data_1HA3
#
_entry.id   1HA3
#
_cell.length_a   69.000
_cell.length_b   101.400
_cell.length_c   79.100
_cell.angle_alpha   90.00
_cell.angle_beta   113.60
_cell.angle_gamma   90.00
#
_symmetry.space_group_name_H-M   'P 1 21 1'
#
loop_
_entity.id
_entity.type
_entity.pdbx_description
1 polymer 'ELONGATION FACTOR TU'
2 non-polymer "GUANOSINE-5'-DIPHOSPHATE"
3 non-polymer 'MAGNESIUM ION'
4 non-polymer 'N-METHYL KIRROMYCIN'
5 non-polymer BETA-MERCAPTOETHANOL
6 water water
#
_entity_poly.entity_id   1
_entity_poly.type   'polypeptide(L)'
_entity_poly.pdbx_seq_one_letter_code
;AKGEFIRTKPHVNVGTIGHVDHGKTTLTAALTFVTAAENPNVEVKDYGDIDKAPEERARGITINTAHVEYETAKRHYSHV
DCPGHADYIKNMITGAAQMDGAILVVSAADGPMPQTREHILLARQVGVPYIVVFMNKVDMVDDPELLDLVEMEVRDLLNQ
YEFPGDEVPVIRGSALLALEQMHRNPKTRRGENEWVDKIWELLDAIDEYIPTPVRDVDKPFLMPVEDVFTITGRGTVATG
RIERGKVKVGDEVEIVGLAPETRKTVVTGVEMHRKTLQEGIAGDNVGVLLRGVSREEVERGQVLAKPGSITPHTKFEASV
YVLKKEEGGRHTGFFSGYRPQFYFRTTDVTGVVQLPPGVEMVMPGDNVTFTVELIKPVALEEGLRFAIREGGRTVGAGVV
TKILE
;
_entity_poly.pdbx_strand_id   A,B
#
loop_
_chem_comp.id
_chem_comp.type
_chem_comp.name
_chem_comp.formula
BME non-polymer BETA-MERCAPTOETHANOL 'C2 H6 O S'
GDP RNA linking GUANOSINE-5'-DIPHOSPHATE 'C10 H15 N5 O11 P2'
MAU non-polymer 'N-METHYL KIRROMYCIN' 'C44 H62 N2 O12'
MG non-polymer 'MAGNESIUM ION' 'Mg 2'
#
# COMPACT_ATOMS: atom_id res chain seq x y z
N GLY A 3 -32.98 10.08 -20.83
CA GLY A 3 -32.90 11.11 -19.75
C GLY A 3 -31.78 12.11 -20.00
N GLU A 4 -32.12 13.39 -19.97
CA GLU A 4 -31.14 14.44 -20.20
C GLU A 4 -30.90 15.28 -18.96
N PHE A 5 -29.71 15.86 -18.88
CA PHE A 5 -29.37 16.70 -17.74
C PHE A 5 -29.19 18.11 -18.26
N ILE A 6 -29.92 19.05 -17.69
CA ILE A 6 -29.83 20.44 -18.11
C ILE A 6 -29.15 21.27 -17.03
N ARG A 7 -28.06 21.93 -17.39
CA ARG A 7 -27.32 22.75 -16.44
C ARG A 7 -28.15 24.00 -16.14
N THR A 8 -28.51 24.21 -14.87
CA THR A 8 -29.31 25.35 -14.47
C THR A 8 -28.84 26.07 -13.20
N LYS A 9 -28.06 25.39 -12.37
CA LYS A 9 -27.56 25.97 -11.13
C LYS A 9 -26.05 25.71 -11.09
N PRO A 10 -25.30 26.50 -10.31
CA PRO A 10 -23.86 26.29 -10.23
C PRO A 10 -23.59 24.89 -9.65
N HIS A 11 -22.64 24.17 -10.23
CA HIS A 11 -22.29 22.83 -9.77
C HIS A 11 -21.16 22.81 -8.74
N VAL A 12 -21.32 21.98 -7.73
CA VAL A 12 -20.33 21.85 -6.65
C VAL A 12 -20.15 20.37 -6.28
N ASN A 13 -18.91 20.01 -5.96
CA ASN A 13 -18.57 18.64 -5.57
C ASN A 13 -18.26 18.55 -4.08
N VAL A 14 -18.97 17.69 -3.37
CA VAL A 14 -18.75 17.52 -1.94
C VAL A 14 -18.73 16.02 -1.61
N GLY A 15 -18.56 15.69 -0.34
CA GLY A 15 -18.54 14.29 0.06
C GLY A 15 -18.53 14.16 1.56
N THR A 16 -18.62 12.92 2.05
CA THR A 16 -18.62 12.67 3.47
C THR A 16 -17.39 11.94 3.97
N ILE A 17 -16.80 12.45 5.04
CA ILE A 17 -15.61 11.87 5.64
C ILE A 17 -15.94 11.74 7.13
N GLY A 18 -15.09 11.06 7.89
CA GLY A 18 -15.35 10.90 9.31
C GLY A 18 -15.14 9.45 9.72
N HIS A 19 -14.97 9.23 11.02
CA HIS A 19 -14.74 7.88 11.56
C HIS A 19 -15.80 6.83 11.22
N VAL A 20 -15.35 5.59 11.09
CA VAL A 20 -16.23 4.47 10.75
C VAL A 20 -17.42 4.36 11.72
N ASP A 21 -18.60 4.17 11.14
CA ASP A 21 -19.85 4.04 11.87
C ASP A 21 -20.43 5.35 12.42
N HIS A 22 -19.78 6.47 12.16
CA HIS A 22 -20.34 7.71 12.68
C HIS A 22 -21.55 8.20 11.90
N GLY A 23 -21.76 7.66 10.71
CA GLY A 23 -22.90 8.06 9.90
C GLY A 23 -22.74 8.66 8.51
N LYS A 24 -21.57 8.52 7.89
CA LYS A 24 -21.36 9.08 6.55
C LYS A 24 -22.36 8.60 5.51
N THR A 25 -22.56 7.29 5.43
CA THR A 25 -23.47 6.71 4.46
C THR A 25 -24.95 6.98 4.75
N THR A 26 -25.32 7.02 6.02
CA THR A 26 -26.71 7.28 6.39
C THR A 26 -27.03 8.74 6.03
N LEU A 27 -26.07 9.63 6.30
CA LEU A 27 -26.26 11.05 5.99
C LEU A 27 -26.37 11.24 4.49
N THR A 28 -25.55 10.51 3.73
CA THR A 28 -25.59 10.64 2.26
C THR A 28 -26.99 10.27 1.76
N ALA A 29 -27.54 9.19 2.27
CA ALA A 29 -28.87 8.76 1.85
C ALA A 29 -29.93 9.80 2.26
N ALA A 30 -29.81 10.32 3.48
CA ALA A 30 -30.74 11.31 3.99
C ALA A 30 -30.74 12.55 3.12
N LEU A 31 -29.55 12.98 2.70
CA LEU A 31 -29.42 14.15 1.87
C LEU A 31 -30.17 14.00 0.56
N THR A 32 -30.11 12.83 -0.07
CA THR A 32 -30.81 12.62 -1.32
C THR A 32 -32.32 12.57 -1.16
N PHE A 33 -32.78 11.94 -0.07
CA PHE A 33 -34.22 11.85 0.18
C PHE A 33 -34.83 13.19 0.54
N VAL A 34 -34.17 13.91 1.44
CA VAL A 34 -34.65 15.21 1.88
C VAL A 34 -34.82 16.20 0.71
N THR A 35 -33.80 16.31 -0.13
CA THR A 35 -33.88 17.21 -1.28
C THR A 35 -34.82 16.71 -2.36
N ALA A 36 -34.96 15.39 -2.47
CA ALA A 36 -35.84 14.81 -3.47
C ALA A 36 -37.29 15.29 -3.29
N ALA A 37 -37.63 15.65 -2.07
CA ALA A 37 -38.98 16.14 -1.75
C ALA A 37 -39.28 17.45 -2.45
N GLU A 38 -38.24 18.23 -2.74
CA GLU A 38 -38.41 19.51 -3.41
C GLU A 38 -38.15 19.43 -4.91
N ASN A 39 -36.95 18.97 -5.27
CA ASN A 39 -36.59 18.85 -6.68
C ASN A 39 -36.75 17.41 -7.17
N PRO A 40 -37.76 17.18 -8.03
CA PRO A 40 -38.01 15.85 -8.57
C PRO A 40 -36.82 15.31 -9.35
N ASN A 41 -35.98 16.21 -9.85
CA ASN A 41 -34.81 15.83 -10.62
C ASN A 41 -33.81 15.07 -9.73
N VAL A 42 -34.11 15.01 -8.43
CA VAL A 42 -33.25 14.33 -7.47
C VAL A 42 -33.72 12.89 -7.26
N GLU A 43 -32.91 11.94 -7.71
CA GLU A 43 -33.25 10.52 -7.57
C GLU A 43 -32.95 10.00 -6.18
N VAL A 44 -33.91 9.27 -5.61
CA VAL A 44 -33.76 8.69 -4.28
C VAL A 44 -32.67 7.62 -4.26
N LYS A 45 -31.87 7.62 -3.18
CA LYS A 45 -30.79 6.65 -3.01
C LYS A 45 -30.85 5.97 -1.66
N ASP A 46 -31.25 4.71 -1.64
CA ASP A 46 -31.35 3.93 -0.41
C ASP A 46 -30.00 3.71 0.27
N TYR A 47 -30.02 3.68 1.60
CA TYR A 47 -28.81 3.47 2.39
C TYR A 47 -28.12 2.18 1.99
N GLY A 48 -28.92 1.14 1.71
CA GLY A 48 -28.38 -0.15 1.33
C GLY A 48 -27.56 -0.13 0.05
N ASP A 49 -28.02 0.62 -0.94
CA ASP A 49 -27.31 0.72 -2.22
C ASP A 49 -25.98 1.46 -2.08
N ILE A 50 -26.03 2.64 -1.46
CA ILE A 50 -24.81 3.44 -1.26
C ILE A 50 -23.77 2.62 -0.51
N ASP A 51 -24.18 1.96 0.56
CA ASP A 51 -23.28 1.14 1.36
C ASP A 51 -23.08 -0.19 0.63
N LYS A 52 -22.70 -0.09 -0.64
CA LYS A 52 -22.47 -1.27 -1.47
C LYS A 52 -21.12 -1.92 -1.20
N THR A 65 -24.52 2.81 -6.18
CA THR A 65 -23.27 3.62 -6.30
C THR A 65 -23.09 4.54 -5.09
N ALA A 66 -21.85 4.93 -4.82
CA ALA A 66 -21.52 5.80 -3.70
C ALA A 66 -21.36 7.25 -4.16
N HIS A 67 -21.71 7.51 -5.41
CA HIS A 67 -21.60 8.85 -5.99
C HIS A 67 -23.01 9.27 -6.37
N VAL A 68 -23.60 10.16 -5.56
CA VAL A 68 -24.95 10.62 -5.81
C VAL A 68 -25.07 12.11 -6.12
N GLU A 69 -26.28 12.53 -6.46
CA GLU A 69 -26.53 13.93 -6.76
C GLU A 69 -27.77 14.41 -6.05
N TYR A 70 -27.81 15.71 -5.79
CA TYR A 70 -28.94 16.35 -5.11
C TYR A 70 -28.75 17.84 -5.26
N GLU A 71 -29.84 18.59 -5.22
CA GLU A 71 -29.69 20.03 -5.36
C GLU A 71 -30.54 20.83 -4.39
N THR A 72 -30.07 22.02 -4.09
CA THR A 72 -30.76 22.92 -3.19
C THR A 72 -31.31 24.02 -4.10
N ALA A 73 -31.91 25.04 -3.51
CA ALA A 73 -32.46 26.12 -4.30
C ALA A 73 -31.31 26.90 -4.95
N LYS A 74 -30.13 26.80 -4.35
CA LYS A 74 -28.97 27.50 -4.87
C LYS A 74 -28.02 26.75 -5.79
N ARG A 75 -27.69 25.50 -5.47
CA ARG A 75 -26.78 24.75 -6.32
C ARG A 75 -27.08 23.28 -6.59
N HIS A 76 -26.35 22.71 -7.54
CA HIS A 76 -26.49 21.31 -7.90
C HIS A 76 -25.24 20.65 -7.33
N TYR A 77 -25.43 19.56 -6.58
CA TYR A 77 -24.30 18.86 -5.97
C TYR A 77 -24.06 17.42 -6.40
N SER A 78 -22.78 17.06 -6.46
CA SER A 78 -22.35 15.71 -6.82
C SER A 78 -21.72 15.38 -5.49
N HIS A 79 -22.12 14.25 -4.91
CA HIS A 79 -21.61 13.86 -3.61
C HIS A 79 -21.02 12.45 -3.56
N VAL A 80 -19.77 12.35 -3.10
CA VAL A 80 -19.12 11.05 -3.01
C VAL A 80 -19.10 10.63 -1.53
N ASP A 81 -19.61 9.44 -1.26
CA ASP A 81 -19.64 8.93 0.11
C ASP A 81 -18.45 8.02 0.30
N CYS A 82 -17.46 8.51 1.03
CA CYS A 82 -16.24 7.76 1.30
C CYS A 82 -16.41 6.62 2.28
N PRO A 83 -16.10 5.38 1.87
CA PRO A 83 -16.24 4.27 2.82
C PRO A 83 -15.34 4.63 4.01
N GLY A 84 -14.21 5.27 3.71
CA GLY A 84 -13.26 5.69 4.73
C GLY A 84 -12.30 4.71 5.38
N HIS A 85 -12.30 3.46 4.93
CA HIS A 85 -11.43 2.44 5.48
C HIS A 85 -9.98 2.54 4.99
N ALA A 86 -9.07 1.95 5.75
CA ALA A 86 -7.65 1.98 5.40
C ALA A 86 -7.34 1.41 4.02
N ASP A 87 -8.03 0.34 3.63
CA ASP A 87 -7.81 -0.29 2.32
C ASP A 87 -8.37 0.53 1.15
N TYR A 88 -9.07 1.60 1.46
CA TYR A 88 -9.65 2.47 0.43
C TYR A 88 -8.89 3.79 0.38
N ILE A 89 -7.78 3.85 1.10
CA ILE A 89 -6.96 5.06 1.16
C ILE A 89 -6.69 5.73 -0.19
N LYS A 90 -6.25 4.97 -1.19
CA LYS A 90 -5.98 5.56 -2.50
C LYS A 90 -7.23 6.14 -3.14
N ASN A 91 -8.38 5.55 -2.85
CA ASN A 91 -9.64 6.04 -3.41
C ASN A 91 -10.05 7.32 -2.69
N MET A 92 -9.78 7.41 -1.38
CA MET A 92 -10.14 8.61 -0.65
C MET A 92 -9.30 9.75 -1.18
N ILE A 93 -8.04 9.46 -1.48
CA ILE A 93 -7.12 10.47 -1.99
C ILE A 93 -7.69 11.14 -3.24
N THR A 94 -8.08 10.36 -4.25
CA THR A 94 -8.62 10.94 -5.48
C THR A 94 -10.01 11.54 -5.27
N GLY A 95 -10.79 10.94 -4.38
CA GLY A 95 -12.12 11.44 -4.11
C GLY A 95 -12.05 12.79 -3.41
N ALA A 96 -11.22 12.89 -2.38
CA ALA A 96 -11.09 14.14 -1.65
C ALA A 96 -10.44 15.23 -2.50
N ALA A 97 -9.51 14.83 -3.36
CA ALA A 97 -8.83 15.78 -4.24
C ALA A 97 -9.79 16.51 -5.17
N GLN A 98 -10.92 15.88 -5.49
CA GLN A 98 -11.90 16.49 -6.39
C GLN A 98 -13.07 17.15 -5.65
N MET A 99 -12.97 17.29 -4.34
CA MET A 99 -14.02 17.92 -3.55
C MET A 99 -13.82 19.43 -3.40
N ASP A 100 -14.91 20.18 -3.46
CA ASP A 100 -14.85 21.64 -3.32
C ASP A 100 -15.00 21.92 -1.83
N GLY A 101 -15.45 20.89 -1.11
CA GLY A 101 -15.65 21.00 0.32
C GLY A 101 -16.03 19.63 0.86
N ALA A 102 -15.74 19.37 2.13
CA ALA A 102 -16.07 18.07 2.72
C ALA A 102 -16.96 18.20 3.94
N ILE A 103 -17.81 17.20 4.15
CA ILE A 103 -18.72 17.17 5.29
C ILE A 103 -18.11 16.18 6.26
N LEU A 104 -17.63 16.68 7.39
CA LEU A 104 -17.03 15.84 8.42
C LEU A 104 -18.11 15.36 9.39
N VAL A 105 -18.37 14.07 9.37
CA VAL A 105 -19.38 13.51 10.24
C VAL A 105 -18.73 13.00 11.53
N VAL A 106 -19.21 13.48 12.66
CA VAL A 106 -18.69 13.08 13.96
C VAL A 106 -19.86 12.67 14.85
N SER A 107 -19.80 11.46 15.43
CA SER A 107 -20.86 10.97 16.29
C SER A 107 -20.85 11.68 17.65
N ALA A 108 -22.00 12.19 18.06
CA ALA A 108 -22.11 12.89 19.34
C ALA A 108 -21.94 11.94 20.52
N ALA A 109 -22.21 10.66 20.28
CA ALA A 109 -22.10 9.67 21.34
C ALA A 109 -20.67 9.13 21.51
N ASP A 110 -19.80 9.42 20.55
CA ASP A 110 -18.42 8.94 20.64
C ASP A 110 -17.36 10.02 20.65
N GLY A 111 -17.64 11.14 19.97
CA GLY A 111 -16.69 12.22 19.91
C GLY A 111 -15.68 11.89 18.82
N PRO A 112 -14.64 12.71 18.64
CA PRO A 112 -13.62 12.46 17.61
C PRO A 112 -12.87 11.15 17.89
N MET A 113 -12.62 10.38 16.84
CA MET A 113 -11.91 9.11 16.96
C MET A 113 -10.73 9.12 15.97
N PRO A 114 -9.87 8.09 16.00
CA PRO A 114 -8.72 8.09 15.08
C PRO A 114 -8.93 8.46 13.61
N GLN A 115 -10.00 7.98 12.99
CA GLN A 115 -10.25 8.29 11.58
C GLN A 115 -10.68 9.73 11.37
N THR A 116 -11.26 10.34 12.40
CA THR A 116 -11.70 11.72 12.31
C THR A 116 -10.44 12.53 12.04
N ARG A 117 -9.40 12.21 12.79
CA ARG A 117 -8.11 12.86 12.70
C ARG A 117 -7.38 12.51 11.40
N GLU A 118 -7.44 11.24 11.02
CA GLU A 118 -6.79 10.76 9.79
C GLU A 118 -7.40 11.38 8.54
N HIS A 119 -8.73 11.45 8.48
CA HIS A 119 -9.39 12.01 7.31
C HIS A 119 -9.15 13.51 7.22
N ILE A 120 -9.03 14.16 8.37
CA ILE A 120 -8.78 15.61 8.39
C ILE A 120 -7.40 15.93 7.82
N LEU A 121 -6.40 15.15 8.21
CA LEU A 121 -5.05 15.38 7.72
C LEU A 121 -5.00 15.13 6.21
N LEU A 122 -5.62 14.05 5.75
CA LEU A 122 -5.64 13.73 4.33
C LEU A 122 -6.32 14.85 3.57
N ALA A 123 -7.44 15.33 4.11
CA ALA A 123 -8.18 16.41 3.46
C ALA A 123 -7.26 17.62 3.29
N ARG A 124 -6.47 17.91 4.34
CA ARG A 124 -5.54 19.04 4.30
C ARG A 124 -4.47 18.82 3.24
N GLN A 125 -3.83 17.65 3.28
CA GLN A 125 -2.78 17.34 2.32
C GLN A 125 -3.22 17.31 0.85
N VAL A 126 -4.48 16.99 0.57
CA VAL A 126 -4.94 16.98 -0.81
C VAL A 126 -5.61 18.30 -1.14
N GLY A 127 -5.59 19.21 -0.17
CA GLY A 127 -6.18 20.53 -0.38
C GLY A 127 -7.67 20.79 -0.29
N VAL A 128 -8.44 19.93 0.37
CA VAL A 128 -9.88 20.20 0.47
C VAL A 128 -9.96 21.61 1.03
N PRO A 129 -10.54 22.55 0.28
CA PRO A 129 -10.66 23.95 0.71
C PRO A 129 -11.51 24.29 1.94
N TYR A 130 -12.63 23.59 2.15
CA TYR A 130 -13.47 23.89 3.29
C TYR A 130 -14.10 22.67 3.95
N ILE A 131 -14.38 22.80 5.24
CA ILE A 131 -14.97 21.74 6.02
C ILE A 131 -16.22 22.21 6.76
N VAL A 132 -17.28 21.41 6.67
CA VAL A 132 -18.54 21.71 7.33
C VAL A 132 -18.71 20.48 8.22
N VAL A 133 -19.04 20.70 9.48
CA VAL A 133 -19.23 19.59 10.40
C VAL A 133 -20.68 19.25 10.71
N PHE A 134 -20.96 17.96 10.78
CA PHE A 134 -22.31 17.51 11.07
C PHE A 134 -22.18 16.57 12.27
N MET A 135 -22.58 17.04 13.44
CA MET A 135 -22.52 16.22 14.65
C MET A 135 -23.73 15.33 14.54
N ASN A 136 -23.49 14.05 14.25
CA ASN A 136 -24.54 13.07 14.09
C ASN A 136 -24.94 12.33 15.37
N LYS A 137 -26.00 11.54 15.27
CA LYS A 137 -26.52 10.75 16.38
C LYS A 137 -26.90 11.53 17.64
N VAL A 138 -27.32 12.78 17.50
CA VAL A 138 -27.69 13.55 18.69
C VAL A 138 -28.93 12.94 19.34
N ASP A 139 -29.59 12.03 18.63
CA ASP A 139 -30.78 11.37 19.16
C ASP A 139 -30.32 10.45 20.30
N MET A 140 -29.02 10.17 20.34
CA MET A 140 -28.46 9.30 21.36
C MET A 140 -27.91 10.10 22.54
N VAL A 141 -27.71 11.40 22.36
CA VAL A 141 -27.18 12.24 23.42
C VAL A 141 -28.00 13.51 23.60
N ASP A 142 -28.48 13.73 24.82
CA ASP A 142 -29.27 14.92 25.12
C ASP A 142 -28.52 15.91 26.00
N ASP A 143 -27.69 15.39 26.91
CA ASP A 143 -26.91 16.24 27.80
C ASP A 143 -26.23 17.38 27.05
N PRO A 144 -26.70 18.62 27.24
CA PRO A 144 -26.16 19.81 26.58
C PRO A 144 -24.66 19.96 26.76
N GLU A 145 -24.16 19.57 27.94
CA GLU A 145 -22.73 19.68 28.21
C GLU A 145 -21.90 18.73 27.36
N LEU A 146 -22.36 17.49 27.21
CA LEU A 146 -21.63 16.51 26.41
C LEU A 146 -21.62 16.95 24.96
N LEU A 147 -22.73 17.51 24.49
CA LEU A 147 -22.81 17.95 23.10
C LEU A 147 -21.85 19.11 22.87
N ASP A 148 -21.80 20.07 23.80
CA ASP A 148 -20.90 21.20 23.66
C ASP A 148 -19.44 20.76 23.74
N LEU A 149 -19.19 19.71 24.51
CA LEU A 149 -17.84 19.20 24.67
C LEU A 149 -17.36 18.58 23.36
N VAL A 150 -18.25 17.84 22.71
CA VAL A 150 -17.92 17.21 21.44
C VAL A 150 -17.60 18.28 20.40
N GLU A 151 -18.42 19.32 20.33
CA GLU A 151 -18.19 20.39 19.37
C GLU A 151 -16.84 21.06 19.64
N MET A 152 -16.55 21.29 20.92
CA MET A 152 -15.31 21.92 21.32
C MET A 152 -14.13 21.06 20.86
N GLU A 153 -14.24 19.75 21.07
CA GLU A 153 -13.18 18.83 20.67
C GLU A 153 -12.97 18.82 19.16
N VAL A 154 -14.05 18.81 18.40
CA VAL A 154 -13.93 18.81 16.95
C VAL A 154 -13.31 20.11 16.45
N ARG A 155 -13.73 21.24 17.00
CA ARG A 155 -13.18 22.52 16.58
C ARG A 155 -11.69 22.58 16.85
N ASP A 156 -11.28 22.07 18.02
CA ASP A 156 -9.87 22.06 18.38
C ASP A 156 -9.09 21.12 17.46
N LEU A 157 -9.67 19.97 17.15
CA LEU A 157 -9.01 19.00 16.27
C LEU A 157 -8.75 19.65 14.92
N LEU A 158 -9.75 20.33 14.39
CA LEU A 158 -9.59 20.99 13.09
C LEU A 158 -8.48 22.02 13.15
N ASN A 159 -8.43 22.80 14.24
CA ASN A 159 -7.40 23.83 14.39
C ASN A 159 -6.02 23.19 14.38
N GLN A 160 -5.93 22.01 14.99
CA GLN A 160 -4.68 21.28 15.07
C GLN A 160 -4.04 20.97 13.72
N TYR A 161 -4.85 20.87 12.67
CA TYR A 161 -4.32 20.59 11.34
C TYR A 161 -4.42 21.80 10.44
N GLU A 162 -4.65 22.94 11.07
CA GLU A 162 -4.77 24.22 10.40
C GLU A 162 -6.01 24.56 9.59
N PHE A 163 -7.14 23.98 9.99
CA PHE A 163 -8.39 24.25 9.30
C PHE A 163 -8.94 25.32 10.27
N PRO A 164 -9.82 26.22 9.80
CA PRO A 164 -10.37 27.25 10.69
C PRO A 164 -11.44 26.67 11.62
N GLY A 165 -11.00 25.82 12.54
CA GLY A 165 -11.90 25.19 13.48
C GLY A 165 -12.91 26.05 14.21
N ASP A 166 -12.54 27.28 14.53
CA ASP A 166 -13.45 28.17 15.25
C ASP A 166 -14.46 28.85 14.34
N GLU A 167 -14.30 28.70 13.02
CA GLU A 167 -15.22 29.33 12.08
C GLU A 167 -16.15 28.37 11.34
N VAL A 168 -15.78 27.10 11.27
CA VAL A 168 -16.62 26.13 10.56
C VAL A 168 -18.01 25.94 11.14
N PRO A 169 -18.98 25.65 10.28
CA PRO A 169 -20.35 25.45 10.75
C PRO A 169 -20.40 24.07 11.39
N VAL A 170 -21.12 23.96 12.52
CA VAL A 170 -21.24 22.69 13.22
C VAL A 170 -22.73 22.49 13.43
N ILE A 171 -23.34 21.66 12.57
CA ILE A 171 -24.76 21.36 12.64
C ILE A 171 -24.96 20.09 13.45
N ARG A 172 -25.95 20.11 14.35
CA ARG A 172 -26.25 18.95 15.20
C ARG A 172 -27.54 18.29 14.74
N GLY A 173 -27.49 16.98 14.48
CA GLY A 173 -28.69 16.29 14.05
C GLY A 173 -28.61 14.78 14.08
N SER A 174 -29.58 14.16 13.42
CA SER A 174 -29.66 12.70 13.33
C SER A 174 -29.98 12.27 11.91
N ALA A 175 -28.98 11.72 11.23
CA ALA A 175 -29.16 11.26 9.86
C ALA A 175 -30.18 10.13 9.77
N LEU A 176 -30.17 9.25 10.76
CA LEU A 176 -31.10 8.12 10.80
C LEU A 176 -32.56 8.53 10.94
N LEU A 177 -32.87 9.38 11.91
CA LEU A 177 -34.26 9.81 12.11
C LEU A 177 -34.76 10.59 10.90
N ALA A 178 -33.88 11.36 10.28
CA ALA A 178 -34.27 12.15 9.12
C ALA A 178 -34.57 11.17 7.98
N LEU A 179 -33.70 10.18 7.78
CA LEU A 179 -33.89 9.20 6.72
C LEU A 179 -35.19 8.39 6.91
N GLU A 180 -35.45 7.96 8.13
CA GLU A 180 -36.65 7.18 8.42
C GLU A 180 -37.92 8.01 8.19
N GLN A 181 -37.84 9.31 8.43
CA GLN A 181 -38.99 10.18 8.25
C GLN A 181 -39.30 10.26 6.76
N MET A 182 -38.26 10.41 5.94
CA MET A 182 -38.44 10.50 4.49
C MET A 182 -38.99 9.18 3.95
N HIS A 183 -38.59 8.08 4.56
CA HIS A 183 -39.06 6.77 4.13
C HIS A 183 -40.56 6.69 4.41
N ARG A 184 -40.98 7.25 5.54
CA ARG A 184 -42.38 7.26 5.92
C ARG A 184 -43.16 8.19 5.00
N ASN A 185 -42.64 9.40 4.83
CA ASN A 185 -43.27 10.40 3.97
C ASN A 185 -42.22 11.03 3.04
N PRO A 186 -42.04 10.45 1.85
CA PRO A 186 -41.07 10.93 0.86
C PRO A 186 -41.33 12.38 0.45
N LYS A 187 -42.53 12.87 0.73
CA LYS A 187 -42.88 14.25 0.38
C LYS A 187 -42.65 15.23 1.52
N THR A 188 -42.18 14.73 2.65
CA THR A 188 -41.93 15.60 3.80
C THR A 188 -41.15 16.82 3.32
N ARG A 189 -41.66 18.00 3.67
CA ARG A 189 -41.00 19.23 3.29
C ARG A 189 -40.45 19.97 4.50
N ARG A 190 -39.56 20.91 4.23
CA ARG A 190 -38.93 21.71 5.26
C ARG A 190 -39.94 22.35 6.20
N GLY A 191 -39.60 22.37 7.49
CA GLY A 191 -40.49 22.97 8.48
C GLY A 191 -41.51 22.01 9.06
N GLU A 192 -41.64 20.82 8.48
CA GLU A 192 -42.60 19.84 8.96
C GLU A 192 -42.06 18.82 9.96
N ASN A 193 -40.77 18.51 9.89
CA ASN A 193 -40.16 17.56 10.81
C ASN A 193 -38.84 18.11 11.36
N GLU A 194 -38.69 18.11 12.68
CA GLU A 194 -37.47 18.62 13.30
C GLU A 194 -36.17 17.97 12.84
N TRP A 195 -36.20 16.66 12.60
CA TRP A 195 -35.00 15.96 12.15
C TRP A 195 -34.68 16.32 10.71
N VAL A 196 -35.69 16.29 9.86
CA VAL A 196 -35.49 16.62 8.45
C VAL A 196 -34.96 18.05 8.35
N ASP A 197 -35.46 18.92 9.22
CA ASP A 197 -35.03 20.31 9.21
C ASP A 197 -33.55 20.45 9.57
N LYS A 198 -33.02 19.48 10.31
CA LYS A 198 -31.61 19.53 10.69
C LYS A 198 -30.77 19.27 9.44
N ILE A 199 -31.33 18.50 8.51
CA ILE A 199 -30.64 18.18 7.28
C ILE A 199 -30.64 19.45 6.43
N TRP A 200 -31.73 20.21 6.49
CA TRP A 200 -31.81 21.45 5.72
C TRP A 200 -30.84 22.46 6.31
N GLU A 201 -30.57 22.35 7.61
CA GLU A 201 -29.65 23.27 8.26
C GLU A 201 -28.27 22.97 7.67
N LEU A 202 -28.00 21.70 7.43
CA LEU A 202 -26.72 21.28 6.87
C LEU A 202 -26.65 21.72 5.42
N LEU A 203 -27.73 21.52 4.67
CA LEU A 203 -27.75 21.92 3.27
C LEU A 203 -27.52 23.43 3.16
N ASP A 204 -28.11 24.20 4.07
CA ASP A 204 -27.95 25.66 4.05
C ASP A 204 -26.50 26.01 4.35
N ALA A 205 -25.92 25.33 5.32
CA ALA A 205 -24.53 25.58 5.72
C ALA A 205 -23.59 25.27 4.55
N ILE A 206 -23.90 24.21 3.81
CA ILE A 206 -23.09 23.81 2.68
C ILE A 206 -23.19 24.90 1.60
N ASP A 207 -24.43 25.35 1.33
CA ASP A 207 -24.68 26.39 0.34
C ASP A 207 -23.91 27.68 0.65
N GLU A 208 -23.96 28.08 1.91
CA GLU A 208 -23.30 29.30 2.37
C GLU A 208 -21.81 29.28 2.71
N TYR A 209 -21.37 28.30 3.47
CA TYR A 209 -19.97 28.21 3.88
C TYR A 209 -18.98 27.74 2.81
N ILE A 210 -19.41 26.81 1.96
CA ILE A 210 -18.53 26.29 0.90
C ILE A 210 -18.75 27.16 -0.33
N PRO A 211 -17.77 28.01 -0.66
CA PRO A 211 -17.89 28.87 -1.83
C PRO A 211 -17.80 28.12 -3.15
N THR A 212 -18.48 28.64 -4.17
CA THR A 212 -18.46 28.00 -5.49
C THR A 212 -17.17 28.48 -6.14
N PRO A 213 -16.23 27.57 -6.38
CA PRO A 213 -14.97 27.95 -6.99
C PRO A 213 -15.10 28.37 -8.46
N VAL A 214 -14.09 29.09 -8.94
CA VAL A 214 -14.09 29.56 -10.32
C VAL A 214 -13.58 28.38 -11.12
N ARG A 215 -14.31 28.00 -12.16
CA ARG A 215 -13.91 26.88 -13.00
C ARG A 215 -13.09 27.38 -14.18
N ASP A 216 -12.03 26.65 -14.54
CA ASP A 216 -11.18 27.04 -15.67
C ASP A 216 -11.74 26.48 -16.97
N VAL A 217 -12.93 26.97 -17.33
CA VAL A 217 -13.58 26.51 -18.55
C VAL A 217 -12.98 27.00 -19.86
N ASP A 218 -12.15 28.03 -19.80
CA ASP A 218 -11.54 28.56 -21.01
C ASP A 218 -10.21 27.93 -21.41
N LYS A 219 -9.69 27.03 -20.60
CA LYS A 219 -8.42 26.38 -20.90
C LYS A 219 -8.63 25.08 -21.67
N PRO A 220 -7.55 24.51 -22.24
CA PRO A 220 -7.65 23.25 -22.99
C PRO A 220 -8.25 22.14 -22.14
N PHE A 221 -9.16 21.38 -22.74
CA PHE A 221 -9.81 20.27 -22.06
C PHE A 221 -8.83 19.29 -21.40
N LEU A 222 -9.16 18.87 -20.19
CA LEU A 222 -8.32 17.93 -19.45
C LEU A 222 -9.17 17.30 -18.35
N MET A 223 -9.24 15.97 -18.35
CA MET A 223 -10.01 15.25 -17.34
C MET A 223 -9.23 13.99 -16.95
N PRO A 224 -8.79 13.92 -15.68
CA PRO A 224 -8.04 12.76 -15.21
C PRO A 224 -9.04 11.61 -15.10
N VAL A 225 -8.68 10.43 -15.58
CA VAL A 225 -9.59 9.29 -15.51
C VAL A 225 -9.63 8.66 -14.12
N GLU A 226 -10.82 8.61 -13.55
CA GLU A 226 -11.05 8.04 -12.22
C GLU A 226 -11.31 6.53 -12.33
N ASP A 227 -12.24 6.16 -13.20
CA ASP A 227 -12.58 4.75 -13.42
C ASP A 227 -13.04 4.52 -14.85
N VAL A 228 -13.00 3.26 -15.28
CA VAL A 228 -13.39 2.88 -16.63
C VAL A 228 -14.36 1.69 -16.61
N PHE A 229 -15.49 1.83 -17.30
CA PHE A 229 -16.48 0.76 -17.35
C PHE A 229 -16.98 0.57 -18.77
N THR A 230 -17.71 -0.51 -18.98
CA THR A 230 -18.28 -0.83 -20.29
C THR A 230 -19.78 -0.79 -20.12
N ILE A 231 -20.44 0.20 -20.71
CA ILE A 231 -21.89 0.30 -20.61
C ILE A 231 -22.49 -0.76 -21.51
N THR A 232 -22.80 -1.91 -20.93
CA THR A 232 -23.38 -3.04 -21.64
C THR A 232 -24.20 -2.65 -22.88
N GLY A 233 -23.69 -3.00 -24.05
CA GLY A 233 -24.36 -2.68 -25.29
C GLY A 233 -24.20 -1.24 -25.75
N ARG A 234 -23.12 -0.59 -25.31
CA ARG A 234 -22.87 0.79 -25.69
C ARG A 234 -21.40 1.14 -25.86
N GLY A 235 -20.53 0.41 -25.16
CA GLY A 235 -19.11 0.67 -25.27
C GLY A 235 -18.48 1.06 -23.95
N THR A 236 -17.20 1.40 -24.00
CA THR A 236 -16.47 1.79 -22.81
C THR A 236 -16.71 3.25 -22.43
N VAL A 237 -16.75 3.52 -21.13
CA VAL A 237 -16.97 4.86 -20.62
C VAL A 237 -15.90 5.20 -19.59
N ALA A 238 -15.37 6.41 -19.66
CA ALA A 238 -14.35 6.86 -18.73
C ALA A 238 -14.93 7.96 -17.87
N THR A 239 -14.88 7.78 -16.55
CA THR A 239 -15.42 8.78 -15.63
C THR A 239 -14.35 9.60 -14.94
N GLY A 240 -14.74 10.80 -14.51
CA GLY A 240 -13.79 11.66 -13.83
C GLY A 240 -14.33 13.08 -13.72
N ARG A 241 -13.59 13.93 -13.04
CA ARG A 241 -14.01 15.32 -12.85
C ARG A 241 -13.19 16.17 -13.82
N ILE A 242 -13.87 16.92 -14.68
CA ILE A 242 -13.15 17.76 -15.63
C ILE A 242 -12.35 18.81 -14.87
N GLU A 243 -11.04 18.82 -15.09
CA GLU A 243 -10.14 19.76 -14.43
C GLU A 243 -10.15 21.14 -15.08
N ARG A 244 -10.29 21.16 -16.41
CA ARG A 244 -10.31 22.41 -17.14
C ARG A 244 -10.88 22.17 -18.54
N GLY A 245 -11.35 23.22 -19.19
CA GLY A 245 -11.90 23.07 -20.52
C GLY A 245 -13.30 22.49 -20.56
N LYS A 246 -13.68 21.99 -21.73
CA LYS A 246 -15.00 21.40 -21.94
C LYS A 246 -14.93 20.24 -22.93
N VAL A 247 -15.99 19.44 -22.99
CA VAL A 247 -16.01 18.30 -23.90
C VAL A 247 -17.43 17.96 -24.35
N LYS A 248 -17.57 17.60 -25.62
CA LYS A 248 -18.88 17.24 -26.18
C LYS A 248 -18.76 16.16 -27.25
N VAL A 249 -19.88 15.53 -27.57
CA VAL A 249 -19.88 14.49 -28.58
C VAL A 249 -19.27 15.03 -29.87
N GLY A 250 -18.42 14.24 -30.51
CA GLY A 250 -17.79 14.68 -31.73
C GLY A 250 -16.41 15.29 -31.50
N ASP A 251 -16.06 15.49 -30.23
CA ASP A 251 -14.76 16.09 -29.90
C ASP A 251 -13.67 15.03 -29.99
N GLU A 252 -12.51 15.42 -30.52
CA GLU A 252 -11.40 14.49 -30.64
C GLU A 252 -10.63 14.63 -29.33
N VAL A 253 -10.23 13.52 -28.75
CA VAL A 253 -9.48 13.57 -27.49
C VAL A 253 -8.36 12.56 -27.49
N GLU A 254 -7.29 12.88 -26.76
CA GLU A 254 -6.14 12.00 -26.65
C GLU A 254 -6.17 11.39 -25.26
N ILE A 255 -5.76 10.12 -25.17
CA ILE A 255 -5.72 9.40 -23.90
C ILE A 255 -4.21 9.39 -23.61
N VAL A 256 -3.79 10.19 -22.64
CA VAL A 256 -2.37 10.28 -22.30
C VAL A 256 -1.86 9.67 -20.99
N GLY A 257 -0.68 9.04 -21.11
CA GLY A 257 -0.04 8.42 -19.96
C GLY A 257 -0.27 6.93 -19.75
N LEU A 258 0.59 6.35 -18.91
CA LEU A 258 0.56 4.94 -18.55
C LEU A 258 0.79 3.91 -19.65
N ALA A 259 0.03 3.99 -20.73
CA ALA A 259 0.18 3.05 -21.85
C ALA A 259 1.44 3.37 -22.65
N PRO A 260 1.85 2.46 -23.55
CA PRO A 260 3.05 2.64 -24.38
C PRO A 260 3.01 3.85 -25.30
N GLU A 261 1.84 4.13 -25.87
CA GLU A 261 1.69 5.27 -26.77
C GLU A 261 0.38 6.01 -26.53
N THR A 262 0.34 7.28 -26.91
CA THR A 262 -0.85 8.10 -26.74
C THR A 262 -1.89 7.65 -27.76
N ARG A 263 -3.13 7.50 -27.33
CA ARG A 263 -4.20 7.07 -28.21
C ARG A 263 -5.16 8.23 -28.49
N LYS A 264 -5.65 8.30 -29.72
CA LYS A 264 -6.58 9.36 -30.11
C LYS A 264 -7.91 8.78 -30.59
N THR A 265 -9.01 9.33 -30.09
CA THR A 265 -10.33 8.86 -30.46
C THR A 265 -11.32 10.01 -30.48
N VAL A 266 -12.60 9.70 -30.64
CA VAL A 266 -13.64 10.71 -30.68
C VAL A 266 -14.71 10.41 -29.63
N VAL A 267 -15.17 11.47 -28.96
CA VAL A 267 -16.20 11.34 -27.93
C VAL A 267 -17.54 10.98 -28.56
N THR A 268 -18.14 9.90 -28.07
CA THR A 268 -19.42 9.47 -28.61
C THR A 268 -20.53 9.78 -27.61
N GLY A 269 -20.14 10.18 -26.40
CA GLY A 269 -21.14 10.50 -25.39
C GLY A 269 -20.59 11.20 -24.16
N VAL A 270 -21.44 11.99 -23.52
CA VAL A 270 -21.06 12.72 -22.32
C VAL A 270 -22.28 12.68 -21.40
N GLU A 271 -22.11 12.16 -20.19
CA GLU A 271 -23.24 12.07 -19.27
C GLU A 271 -22.94 12.58 -17.87
N MET A 272 -24.00 13.08 -17.23
CA MET A 272 -23.94 13.61 -15.88
C MET A 272 -24.87 12.69 -15.09
N HIS A 273 -24.29 11.88 -14.21
CA HIS A 273 -25.07 10.96 -13.41
C HIS A 273 -25.98 10.11 -14.30
N ARG A 274 -25.38 9.58 -15.37
CA ARG A 274 -26.06 8.74 -16.36
C ARG A 274 -27.14 9.43 -17.19
N LYS A 275 -27.07 10.75 -17.27
CA LYS A 275 -28.04 11.52 -18.04
C LYS A 275 -27.29 12.25 -19.14
N THR A 276 -27.84 12.22 -20.36
CA THR A 276 -27.21 12.88 -21.50
C THR A 276 -26.91 14.34 -21.20
N LEU A 277 -25.65 14.72 -21.41
CA LEU A 277 -25.21 16.08 -21.17
C LEU A 277 -24.75 16.77 -22.46
N GLN A 278 -25.31 17.94 -22.72
CA GLN A 278 -24.99 18.73 -23.90
C GLN A 278 -23.47 18.87 -24.04
N GLU A 279 -22.84 19.42 -23.02
CA GLU A 279 -21.39 19.60 -23.00
C GLU A 279 -20.90 19.67 -21.56
N GLY A 280 -19.87 18.89 -21.25
CA GLY A 280 -19.34 18.89 -19.91
C GLY A 280 -18.36 20.04 -19.75
N ILE A 281 -18.33 20.65 -18.57
CA ILE A 281 -17.41 21.77 -18.34
C ILE A 281 -16.58 21.53 -17.09
N ALA A 282 -15.48 22.27 -16.93
CA ALA A 282 -14.63 22.12 -15.77
C ALA A 282 -15.46 22.12 -14.49
N GLY A 283 -15.18 21.16 -13.62
CA GLY A 283 -15.91 21.06 -12.37
C GLY A 283 -16.92 19.93 -12.37
N ASP A 284 -17.43 19.59 -13.56
CA ASP A 284 -18.41 18.51 -13.68
C ASP A 284 -17.77 17.13 -13.56
N ASN A 285 -18.41 16.23 -12.83
CA ASN A 285 -17.87 14.90 -12.67
C ASN A 285 -18.78 14.15 -13.63
N VAL A 286 -18.22 13.75 -14.78
CA VAL A 286 -18.99 13.05 -15.78
C VAL A 286 -18.48 11.70 -16.26
N GLY A 287 -19.25 11.14 -17.17
CA GLY A 287 -18.93 9.86 -17.78
C GLY A 287 -18.73 10.20 -19.24
N VAL A 288 -17.56 9.92 -19.78
CA VAL A 288 -17.27 10.22 -21.18
C VAL A 288 -17.18 8.91 -21.96
N LEU A 289 -18.18 8.68 -22.82
CA LEU A 289 -18.21 7.47 -23.63
C LEU A 289 -17.27 7.68 -24.80
N LEU A 290 -16.38 6.71 -25.03
CA LEU A 290 -15.42 6.82 -26.12
C LEU A 290 -15.62 5.84 -27.27
N ARG A 291 -15.30 6.30 -28.47
CA ARG A 291 -15.44 5.52 -29.68
C ARG A 291 -14.31 4.51 -29.88
N GLY A 292 -14.68 3.35 -30.44
CA GLY A 292 -13.74 2.29 -30.70
C GLY A 292 -12.63 1.95 -29.72
N VAL A 293 -12.77 2.31 -28.45
CA VAL A 293 -11.73 1.99 -27.49
C VAL A 293 -12.26 1.02 -26.45
N SER A 294 -11.53 -0.05 -26.20
CA SER A 294 -11.93 -1.06 -25.22
C SER A 294 -11.47 -0.63 -23.84
N ARG A 295 -11.98 -1.29 -22.81
CA ARG A 295 -11.59 -0.95 -21.45
C ARG A 295 -10.13 -1.35 -21.24
N GLU A 296 -9.52 -1.86 -22.30
CA GLU A 296 -8.12 -2.29 -22.26
C GLU A 296 -7.25 -1.20 -22.87
N GLU A 297 -7.89 -0.13 -23.34
CA GLU A 297 -7.17 0.98 -23.95
C GLU A 297 -7.26 2.29 -23.16
N VAL A 298 -8.07 2.28 -22.11
CA VAL A 298 -8.24 3.46 -21.26
C VAL A 298 -8.27 2.95 -19.82
N GLU A 299 -7.60 3.65 -18.92
CA GLU A 299 -7.58 3.24 -17.53
C GLU A 299 -7.38 4.37 -16.52
N ARG A 300 -7.66 4.08 -15.26
CA ARG A 300 -7.52 5.04 -14.17
C ARG A 300 -6.10 5.58 -14.15
N GLY A 301 -5.94 6.89 -14.01
CA GLY A 301 -4.60 7.45 -13.99
C GLY A 301 -4.26 8.18 -15.28
N GLN A 302 -4.83 7.74 -16.40
CA GLN A 302 -4.57 8.39 -17.66
C GLN A 302 -5.44 9.64 -17.66
N VAL A 303 -5.20 10.54 -18.61
CA VAL A 303 -6.01 11.75 -18.67
C VAL A 303 -6.54 11.89 -20.08
N LEU A 304 -7.74 12.46 -20.20
CA LEU A 304 -8.34 12.67 -21.50
C LEU A 304 -8.03 14.14 -21.68
N ALA A 305 -7.58 14.52 -22.87
CA ALA A 305 -7.26 15.93 -23.08
C ALA A 305 -7.32 16.33 -24.55
N LYS A 306 -7.42 17.64 -24.77
CA LYS A 306 -7.48 18.16 -26.12
C LYS A 306 -6.18 17.69 -26.78
N PRO A 307 -6.28 17.13 -27.99
CA PRO A 307 -5.09 16.65 -28.70
C PRO A 307 -3.92 17.64 -28.72
N GLY A 308 -2.75 17.17 -28.34
CA GLY A 308 -1.56 18.01 -28.33
C GLY A 308 -1.42 18.99 -27.17
N SER A 309 -2.37 18.99 -26.23
CA SER A 309 -2.30 19.90 -25.09
C SER A 309 -1.39 19.40 -23.97
N ILE A 310 -1.22 18.09 -23.88
CA ILE A 310 -0.36 17.52 -22.85
C ILE A 310 0.29 16.24 -23.35
N THR A 311 1.53 16.00 -22.93
CA THR A 311 2.26 14.81 -23.35
C THR A 311 2.73 13.92 -22.20
N PRO A 312 3.00 12.63 -22.50
CA PRO A 312 3.46 11.65 -21.50
C PRO A 312 4.97 11.73 -21.29
N HIS A 313 5.39 11.64 -20.03
CA HIS A 313 6.82 11.70 -19.71
C HIS A 313 7.18 10.81 -18.53
N THR A 314 8.48 10.57 -18.36
CA THR A 314 8.96 9.73 -17.26
C THR A 314 10.07 10.40 -16.46
N LYS A 315 10.82 11.29 -17.11
CA LYS A 315 11.90 11.97 -16.42
C LYS A 315 11.67 13.47 -16.29
N PHE A 316 11.83 13.98 -15.07
CA PHE A 316 11.63 15.40 -14.81
C PHE A 316 12.36 15.89 -13.57
N GLU A 317 12.44 17.21 -13.44
CA GLU A 317 13.09 17.85 -12.32
C GLU A 317 11.93 18.45 -11.53
N ALA A 318 12.08 18.56 -10.22
CA ALA A 318 11.03 19.12 -9.41
C ALA A 318 11.53 19.71 -8.11
N SER A 319 10.80 20.70 -7.62
CA SER A 319 11.16 21.36 -6.38
C SER A 319 10.35 20.55 -5.38
N VAL A 320 11.01 19.99 -4.38
CA VAL A 320 10.30 19.18 -3.40
C VAL A 320 10.57 19.55 -1.95
N TYR A 321 9.50 19.55 -1.15
CA TYR A 321 9.58 19.86 0.26
C TYR A 321 9.46 18.52 0.99
N VAL A 322 10.47 18.17 1.79
CA VAL A 322 10.44 16.92 2.52
C VAL A 322 9.73 17.20 3.85
N LEU A 323 8.58 16.56 4.06
CA LEU A 323 7.83 16.77 5.30
C LEU A 323 8.61 16.42 6.56
N LYS A 324 8.39 17.23 7.60
CA LYS A 324 9.05 17.03 8.88
C LYS A 324 8.38 15.86 9.59
N LYS A 325 9.09 15.29 10.55
CA LYS A 325 8.54 14.17 11.29
C LYS A 325 7.31 14.71 12.03
N GLU A 326 7.38 15.99 12.41
CA GLU A 326 6.29 16.63 13.12
C GLU A 326 5.08 16.89 12.23
N GLU A 327 5.21 16.59 10.95
CA GLU A 327 4.11 16.78 10.00
C GLU A 327 3.68 15.42 9.46
N GLY A 328 4.06 14.36 10.18
CA GLY A 328 3.70 13.00 9.77
C GLY A 328 4.69 12.33 8.82
N GLY A 329 5.74 13.04 8.43
CA GLY A 329 6.72 12.47 7.52
C GLY A 329 7.71 11.60 8.28
N ARG A 330 8.86 11.32 7.68
CA ARG A 330 9.87 10.49 8.34
C ARG A 330 10.93 11.39 8.93
N HIS A 331 11.76 10.86 9.84
CA HIS A 331 12.81 11.67 10.44
C HIS A 331 14.09 11.56 9.64
N THR A 332 14.15 10.59 8.73
CA THR A 332 15.31 10.37 7.89
C THR A 332 14.99 11.10 6.59
N GLY A 333 16.00 11.55 5.87
CA GLY A 333 15.72 12.25 4.63
C GLY A 333 15.69 11.39 3.37
N PHE A 334 15.58 12.07 2.23
CA PHE A 334 15.53 11.41 0.93
C PHE A 334 16.99 11.14 0.55
N PHE A 335 17.21 10.18 -0.34
CA PHE A 335 18.54 9.81 -0.81
C PHE A 335 18.44 9.33 -2.26
N SER A 336 19.54 9.35 -2.99
CA SER A 336 19.53 8.90 -4.37
C SER A 336 19.25 7.40 -4.44
N GLY A 337 18.36 7.01 -5.35
CA GLY A 337 18.03 5.60 -5.49
C GLY A 337 16.72 5.26 -4.79
N TYR A 338 16.21 6.21 -3.99
CA TYR A 338 14.96 6.07 -3.24
C TYR A 338 13.83 5.91 -4.27
N ARG A 339 12.95 4.93 -4.06
CA ARG A 339 11.83 4.67 -4.97
C ARG A 339 10.44 4.73 -4.32
N PRO A 340 9.99 5.93 -3.93
CA PRO A 340 8.67 6.08 -3.30
C PRO A 340 7.62 6.20 -4.41
N GLN A 341 6.36 6.37 -4.00
CA GLN A 341 5.26 6.50 -4.95
C GLN A 341 4.95 7.97 -5.21
N PHE A 342 4.80 8.34 -6.47
CA PHE A 342 4.50 9.70 -6.85
C PHE A 342 3.04 9.81 -7.26
N TYR A 343 2.28 10.62 -6.54
CA TYR A 343 0.87 10.80 -6.81
C TYR A 343 0.55 11.99 -7.71
N PHE A 344 0.13 11.68 -8.94
CA PHE A 344 -0.23 12.67 -9.95
C PHE A 344 -1.71 12.49 -10.27
N ARG A 345 -2.50 13.52 -10.02
CA ARG A 345 -3.93 13.47 -10.28
C ARG A 345 -4.59 12.19 -9.74
N THR A 346 -5.08 11.31 -10.63
CA THR A 346 -5.74 10.09 -10.18
C THR A 346 -4.96 8.78 -10.06
N THR A 347 -3.64 8.83 -10.05
CA THR A 347 -2.87 7.61 -9.91
C THR A 347 -1.58 7.85 -9.15
N ASP A 348 -0.81 6.78 -8.96
CA ASP A 348 0.46 6.87 -8.25
C ASP A 348 1.40 5.93 -9.00
N VAL A 349 2.61 6.41 -9.26
CA VAL A 349 3.59 5.62 -9.98
C VAL A 349 4.94 5.69 -9.27
N THR A 350 5.65 4.56 -9.26
CA THR A 350 6.96 4.48 -8.62
C THR A 350 7.95 5.35 -9.41
N GLY A 351 8.79 6.08 -8.69
CA GLY A 351 9.78 6.93 -9.33
C GLY A 351 11.11 6.83 -8.60
N VAL A 352 12.21 6.87 -9.36
CA VAL A 352 13.55 6.79 -8.77
C VAL A 352 14.11 8.19 -8.54
N VAL A 353 14.46 8.50 -7.30
CA VAL A 353 15.01 9.80 -6.96
C VAL A 353 16.52 9.90 -7.19
N GLN A 354 16.95 11.05 -7.70
CA GLN A 354 18.37 11.27 -7.95
C GLN A 354 18.70 12.68 -7.48
N LEU A 355 19.52 12.75 -6.43
CA LEU A 355 19.91 14.05 -5.88
C LEU A 355 21.11 14.60 -6.64
N PRO A 356 21.30 15.94 -6.61
CA PRO A 356 22.42 16.59 -7.29
C PRO A 356 23.77 16.09 -6.79
N PRO A 357 24.83 16.27 -7.60
CA PRO A 357 26.17 15.82 -7.20
C PRO A 357 26.57 16.41 -5.85
N GLY A 358 27.18 15.59 -5.01
CA GLY A 358 27.61 16.05 -3.70
C GLY A 358 26.57 15.90 -2.61
N VAL A 359 25.29 15.99 -2.97
CA VAL A 359 24.22 15.86 -1.98
C VAL A 359 23.86 14.39 -1.75
N GLU A 360 24.12 13.90 -0.54
CA GLU A 360 23.81 12.52 -0.23
C GLU A 360 22.42 12.38 0.36
N MET A 361 21.91 13.45 0.96
CA MET A 361 20.59 13.42 1.54
C MET A 361 19.91 14.77 1.69
N VAL A 362 18.58 14.74 1.64
CA VAL A 362 17.74 15.92 1.77
C VAL A 362 16.93 15.62 3.03
N MET A 363 17.19 16.37 4.10
CA MET A 363 16.51 16.18 5.37
C MET A 363 15.10 16.73 5.50
N PRO A 364 14.30 16.15 6.42
CA PRO A 364 12.93 16.58 6.66
C PRO A 364 12.93 18.07 6.98
N GLY A 365 11.98 18.81 6.41
CA GLY A 365 11.92 20.23 6.67
C GLY A 365 12.64 21.07 5.64
N ASP A 366 13.41 20.42 4.76
CA ASP A 366 14.14 21.15 3.73
C ASP A 366 13.43 21.13 2.40
N ASN A 367 13.75 22.13 1.58
CA ASN A 367 13.20 22.31 0.25
C ASN A 367 14.38 22.16 -0.70
N VAL A 368 14.25 21.27 -1.68
CA VAL A 368 15.34 21.06 -2.64
C VAL A 368 14.80 20.70 -4.00
N THR A 369 15.67 20.70 -5.00
CA THR A 369 15.27 20.37 -6.35
C THR A 369 16.05 19.15 -6.80
N PHE A 370 15.36 18.09 -7.19
CA PHE A 370 16.05 16.89 -7.64
C PHE A 370 15.37 16.32 -8.86
N THR A 371 15.96 15.27 -9.43
CA THR A 371 15.41 14.62 -10.61
C THR A 371 14.70 13.32 -10.29
N VAL A 372 13.71 12.99 -11.11
CA VAL A 372 12.93 11.77 -10.93
C VAL A 372 12.66 11.06 -12.25
N GLU A 373 12.67 9.73 -12.20
CA GLU A 373 12.41 8.90 -13.38
C GLU A 373 11.35 7.88 -12.99
N LEU A 374 10.14 8.10 -13.47
CA LEU A 374 9.01 7.22 -13.19
C LEU A 374 9.18 5.93 -13.99
N ILE A 375 8.64 4.82 -13.47
CA ILE A 375 8.75 3.55 -14.17
C ILE A 375 7.69 3.38 -15.25
N LYS A 376 6.76 4.34 -15.31
CA LYS A 376 5.68 4.34 -16.30
C LYS A 376 5.45 5.78 -16.70
N PRO A 377 5.04 6.02 -17.97
CA PRO A 377 4.79 7.38 -18.45
C PRO A 377 3.56 7.96 -17.78
N VAL A 378 3.55 9.28 -17.60
CA VAL A 378 2.44 9.97 -16.97
C VAL A 378 2.26 11.32 -17.68
N ALA A 379 1.02 11.76 -17.83
CA ALA A 379 0.78 13.03 -18.49
C ALA A 379 1.35 14.09 -17.53
N LEU A 380 2.44 14.73 -17.93
CA LEU A 380 3.06 15.75 -17.09
C LEU A 380 3.20 17.09 -17.78
N GLU A 381 3.32 18.13 -16.97
CA GLU A 381 3.47 19.49 -17.46
C GLU A 381 4.09 20.31 -16.35
N GLU A 382 4.81 21.37 -16.71
CA GLU A 382 5.44 22.21 -15.70
C GLU A 382 4.40 22.83 -14.79
N GLY A 383 4.73 22.93 -13.50
CA GLY A 383 3.80 23.51 -12.53
C GLY A 383 2.82 22.52 -11.93
N LEU A 384 2.86 21.28 -12.41
CA LEU A 384 1.97 20.23 -11.92
C LEU A 384 2.41 19.79 -10.52
N ARG A 385 1.48 19.84 -9.56
CA ARG A 385 1.81 19.44 -8.21
C ARG A 385 1.62 17.94 -7.99
N PHE A 386 2.40 17.37 -7.10
CA PHE A 386 2.32 15.95 -6.81
C PHE A 386 2.80 15.70 -5.40
N ALA A 387 2.34 14.60 -4.81
CA ALA A 387 2.74 14.25 -3.45
C ALA A 387 3.62 13.01 -3.54
N ILE A 388 4.42 12.81 -2.50
CA ILE A 388 5.30 11.67 -2.46
C ILE A 388 4.92 10.89 -1.20
N ARG A 389 4.65 9.60 -1.38
CA ARG A 389 4.29 8.74 -0.26
C ARG A 389 5.07 7.45 -0.30
N GLU A 390 5.35 6.90 0.87
CA GLU A 390 6.07 5.65 0.95
C GLU A 390 5.06 4.78 1.66
N GLY A 391 4.36 3.95 0.88
CA GLY A 391 3.37 3.09 1.47
C GLY A 391 2.22 4.03 1.82
N GLY A 392 1.69 3.91 3.03
CA GLY A 392 0.61 4.78 3.43
C GLY A 392 1.02 6.00 4.23
N ARG A 393 2.23 6.51 3.99
CA ARG A 393 2.71 7.68 4.71
C ARG A 393 3.22 8.79 3.78
N THR A 394 2.66 9.99 3.93
CA THR A 394 3.07 11.13 3.09
C THR A 394 4.42 11.65 3.57
N VAL A 395 5.42 11.61 2.68
CA VAL A 395 6.76 12.09 3.04
C VAL A 395 7.25 13.32 2.27
N GLY A 396 6.53 13.73 1.24
CA GLY A 396 6.96 14.89 0.48
C GLY A 396 5.89 15.52 -0.39
N ALA A 397 6.10 16.79 -0.72
CA ALA A 397 5.17 17.57 -1.57
C ALA A 397 6.04 18.26 -2.62
N GLY A 398 5.80 17.95 -3.90
CA GLY A 398 6.60 18.60 -4.92
C GLY A 398 5.84 19.25 -6.05
N VAL A 399 6.58 19.92 -6.92
CA VAL A 399 6.02 20.61 -8.08
C VAL A 399 6.96 20.38 -9.25
N VAL A 400 6.41 19.94 -10.38
CA VAL A 400 7.24 19.69 -11.56
C VAL A 400 7.80 21.04 -12.02
N THR A 401 9.12 21.12 -12.18
CA THR A 401 9.75 22.36 -12.62
C THR A 401 10.36 22.28 -14.01
N LYS A 402 10.61 21.06 -14.51
CA LYS A 402 11.19 20.90 -15.83
C LYS A 402 11.03 19.48 -16.35
N ILE A 403 10.54 19.35 -17.57
CA ILE A 403 10.36 18.03 -18.17
C ILE A 403 11.62 17.69 -18.96
N LEU A 404 12.20 16.53 -18.68
CA LEU A 404 13.42 16.11 -19.37
C LEU A 404 13.13 15.14 -20.50
N GLU A 405 12.12 14.30 -20.33
CA GLU A 405 11.76 13.34 -21.35
C GLU A 405 10.54 12.51 -20.97
N GLY B 3 19.09 -31.84 -14.06
CA GLY B 3 19.88 -32.87 -13.32
C GLY B 3 19.20 -33.37 -12.06
N GLU B 4 19.97 -34.06 -11.21
CA GLU B 4 19.47 -34.60 -9.96
C GLU B 4 20.11 -33.88 -8.78
N PHE B 5 19.30 -33.49 -7.80
CA PHE B 5 19.84 -32.81 -6.63
C PHE B 5 19.99 -33.80 -5.50
N ILE B 6 21.23 -33.99 -5.04
CA ILE B 6 21.50 -34.92 -3.96
C ILE B 6 21.79 -34.16 -2.66
N ARG B 7 21.05 -34.50 -1.61
CA ARG B 7 21.23 -33.86 -0.31
C ARG B 7 22.50 -34.37 0.35
N THR B 8 23.60 -33.64 0.16
CA THR B 8 24.88 -34.04 0.73
C THR B 8 25.34 -33.19 1.92
N LYS B 9 24.67 -32.07 2.15
CA LYS B 9 25.05 -31.18 3.26
C LYS B 9 23.82 -30.51 3.87
N PRO B 10 23.94 -30.02 5.10
CA PRO B 10 22.81 -29.34 5.75
C PRO B 10 22.48 -28.14 4.88
N HIS B 11 21.20 -27.85 4.70
CA HIS B 11 20.76 -26.72 3.88
C HIS B 11 20.39 -25.50 4.72
N VAL B 12 20.82 -24.31 4.27
CA VAL B 12 20.52 -23.07 4.99
C VAL B 12 20.09 -21.97 4.01
N ASN B 13 19.14 -21.13 4.44
CA ASN B 13 18.65 -20.04 3.60
C ASN B 13 19.17 -18.70 4.10
N VAL B 14 19.79 -17.94 3.21
CA VAL B 14 20.32 -16.63 3.58
C VAL B 14 19.95 -15.60 2.51
N GLY B 15 20.45 -14.38 2.66
CA GLY B 15 20.14 -13.35 1.69
C GLY B 15 20.89 -12.07 1.98
N THR B 16 20.88 -11.15 1.02
CA THR B 16 21.57 -9.87 1.18
C THR B 16 20.60 -8.71 1.38
N ILE B 17 20.86 -7.89 2.39
CA ILE B 17 20.03 -6.72 2.69
C ILE B 17 21.01 -5.56 2.87
N GLY B 18 20.48 -4.34 2.95
CA GLY B 18 21.34 -3.19 3.12
C GLY B 18 20.95 -2.10 2.13
N HIS B 19 21.42 -0.88 2.37
CA HIS B 19 21.09 0.27 1.51
C HIS B 19 21.40 0.15 0.02
N VAL B 20 20.57 0.80 -0.78
CA VAL B 20 20.70 0.80 -2.23
C VAL B 20 22.11 1.23 -2.66
N ASP B 21 22.67 0.50 -3.61
CA ASP B 21 24.01 0.74 -4.15
C ASP B 21 25.18 0.36 -3.26
N HIS B 22 24.92 -0.15 -2.07
CA HIS B 22 26.01 -0.53 -1.20
C HIS B 22 26.73 -1.82 -1.62
N GLY B 23 26.09 -2.60 -2.49
CA GLY B 23 26.72 -3.83 -2.95
C GLY B 23 26.06 -5.19 -2.80
N LYS B 24 24.77 -5.23 -2.45
CA LYS B 24 24.06 -6.50 -2.29
C LYS B 24 24.17 -7.44 -3.49
N THR B 25 23.77 -6.95 -4.65
CA THR B 25 23.82 -7.74 -5.87
C THR B 25 25.24 -8.12 -6.28
N THR B 26 26.19 -7.20 -6.15
CA THR B 26 27.56 -7.49 -6.52
C THR B 26 28.13 -8.58 -5.59
N LEU B 27 27.79 -8.51 -4.31
CA LEU B 27 28.28 -9.49 -3.34
C LEU B 27 27.66 -10.86 -3.62
N THR B 28 26.40 -10.88 -4.04
CA THR B 28 25.73 -12.13 -4.33
C THR B 28 26.47 -12.84 -5.48
N ALA B 29 26.81 -12.08 -6.50
CA ALA B 29 27.53 -12.65 -7.65
C ALA B 29 28.89 -13.15 -7.21
N ALA B 30 29.59 -12.34 -6.41
CA ALA B 30 30.91 -12.73 -5.94
C ALA B 30 30.82 -14.06 -5.20
N LEU B 31 29.83 -14.20 -4.34
CA LEU B 31 29.66 -15.43 -3.57
C LEU B 31 29.53 -16.67 -4.46
N THR B 32 28.70 -16.60 -5.50
CA THR B 32 28.54 -17.75 -6.37
C THR B 32 29.81 -18.04 -7.19
N PHE B 33 30.50 -16.99 -7.62
CA PHE B 33 31.72 -17.19 -8.41
C PHE B 33 32.86 -17.76 -7.57
N VAL B 34 33.07 -17.20 -6.39
CA VAL B 34 34.13 -17.64 -5.49
C VAL B 34 33.95 -19.11 -5.09
N THR B 35 32.74 -19.49 -4.71
CA THR B 35 32.48 -20.86 -4.30
C THR B 35 32.53 -21.82 -5.49
N ALA B 36 32.16 -21.34 -6.67
CA ALA B 36 32.16 -22.18 -7.86
C ALA B 36 33.56 -22.73 -8.17
N ALA B 37 34.59 -22.07 -7.65
CA ALA B 37 35.96 -22.51 -7.89
C ALA B 37 36.22 -23.84 -7.21
N GLU B 38 35.35 -24.20 -6.26
CA GLU B 38 35.48 -25.45 -5.50
C GLU B 38 34.35 -26.42 -5.86
N ASN B 39 33.16 -25.88 -6.11
CA ASN B 39 31.99 -26.68 -6.46
C ASN B 39 31.23 -25.99 -7.59
N PRO B 40 31.48 -26.39 -8.84
CA PRO B 40 30.83 -25.81 -10.02
C PRO B 40 29.36 -25.46 -9.79
N ASN B 41 28.63 -26.36 -9.13
CA ASN B 41 27.21 -26.18 -8.83
C ASN B 41 26.82 -24.72 -8.64
N ALA B 66 17.65 -14.23 -9.26
CA ALA B 66 17.57 -13.43 -8.00
C ALA B 66 17.66 -14.36 -6.79
N HIS B 67 17.46 -15.65 -7.03
CA HIS B 67 17.52 -16.68 -5.98
C HIS B 67 18.59 -17.67 -6.42
N VAL B 68 19.78 -17.55 -5.84
CA VAL B 68 20.88 -18.43 -6.18
C VAL B 68 21.26 -19.46 -5.13
N GLU B 69 22.22 -20.31 -5.49
CA GLU B 69 22.69 -21.35 -4.59
C GLU B 69 24.21 -21.42 -4.69
N TYR B 70 24.83 -21.85 -3.61
CA TYR B 70 26.28 -21.99 -3.54
C TYR B 70 26.54 -22.80 -2.31
N GLU B 71 27.71 -23.42 -2.23
CA GLU B 71 27.99 -24.21 -1.05
C GLU B 71 29.41 -24.06 -0.55
N THR B 72 29.58 -24.37 0.73
CA THR B 72 30.88 -24.29 1.38
C THR B 72 31.16 -25.77 1.69
N ALA B 73 32.31 -26.05 2.27
CA ALA B 73 32.62 -27.43 2.59
C ALA B 73 31.60 -27.93 3.61
N LYS B 74 31.10 -27.02 4.44
CA LYS B 74 30.13 -27.37 5.47
C LYS B 74 28.64 -27.38 5.12
N ARG B 75 28.17 -26.43 4.33
CA ARG B 75 26.73 -26.42 4.01
C ARG B 75 26.31 -25.98 2.61
N HIS B 76 25.04 -26.24 2.29
CA HIS B 76 24.47 -25.86 1.00
C HIS B 76 23.61 -24.64 1.31
N TYR B 77 23.77 -23.59 0.50
CA TYR B 77 23.00 -22.37 0.70
C TYR B 77 22.12 -21.93 -0.46
N SER B 78 20.95 -21.41 -0.12
CA SER B 78 19.99 -20.90 -1.08
C SER B 78 20.08 -19.44 -0.64
N HIS B 79 20.35 -18.56 -1.59
CA HIS B 79 20.48 -17.15 -1.31
C HIS B 79 19.60 -16.21 -2.12
N VAL B 80 18.86 -15.33 -1.45
CA VAL B 80 17.99 -14.40 -2.15
C VAL B 80 18.59 -13.01 -2.08
N ASP B 81 18.81 -12.40 -3.24
CA ASP B 81 19.38 -11.06 -3.30
C ASP B 81 18.20 -10.09 -3.33
N CYS B 82 18.01 -9.38 -2.22
CA CYS B 82 16.92 -8.43 -2.09
C CYS B 82 17.15 -7.12 -2.84
N PRO B 83 16.26 -6.77 -3.79
CA PRO B 83 16.43 -5.51 -4.52
C PRO B 83 16.52 -4.41 -3.46
N GLY B 84 15.71 -4.56 -2.40
CA GLY B 84 15.69 -3.61 -1.31
C GLY B 84 14.95 -2.30 -1.40
N HIS B 85 14.35 -2.02 -2.56
CA HIS B 85 13.61 -0.77 -2.75
C HIS B 85 12.26 -0.73 -2.05
N ALA B 86 11.77 0.48 -1.82
CA ALA B 86 10.49 0.68 -1.15
C ALA B 86 9.34 -0.06 -1.83
N ASP B 87 9.34 -0.13 -3.16
CA ASP B 87 8.27 -0.81 -3.86
C ASP B 87 8.34 -2.33 -3.80
N TYR B 88 9.42 -2.86 -3.26
CA TYR B 88 9.59 -4.31 -3.14
C TYR B 88 9.40 -4.75 -1.69
N ILE B 89 8.91 -3.85 -0.85
CA ILE B 89 8.70 -4.16 0.56
C ILE B 89 7.95 -5.45 0.85
N LYS B 90 6.88 -5.73 0.11
CA LYS B 90 6.14 -6.96 0.37
C LYS B 90 6.97 -8.20 0.03
N ASN B 91 7.87 -8.05 -0.93
CA ASN B 91 8.72 -9.15 -1.34
C ASN B 91 9.82 -9.35 -0.31
N MET B 92 10.31 -8.27 0.29
CA MET B 92 11.34 -8.40 1.30
C MET B 92 10.75 -9.09 2.53
N ILE B 93 9.53 -8.73 2.87
CA ILE B 93 8.87 -9.33 4.02
C ILE B 93 8.83 -10.86 3.90
N THR B 94 8.34 -11.38 2.78
CA THR B 94 8.28 -12.83 2.61
C THR B 94 9.66 -13.45 2.42
N GLY B 95 10.55 -12.72 1.77
CA GLY B 95 11.90 -13.22 1.55
C GLY B 95 12.64 -13.32 2.88
N ALA B 96 12.61 -12.26 3.67
CA ALA B 96 13.29 -12.24 4.96
C ALA B 96 12.69 -13.24 5.94
N ALA B 97 11.38 -13.45 5.83
CA ALA B 97 10.66 -14.37 6.70
C ALA B 97 11.14 -15.83 6.53
N GLN B 98 11.75 -16.14 5.39
CA GLN B 98 12.22 -17.51 5.14
C GLN B 98 13.75 -17.65 5.32
N MET B 99 14.40 -16.59 5.76
CA MET B 99 15.86 -16.63 5.96
C MET B 99 16.25 -17.16 7.34
N ASP B 100 17.35 -17.92 7.39
CA ASP B 100 17.84 -18.46 8.65
C ASP B 100 18.87 -17.47 9.16
N GLY B 101 19.25 -16.55 8.27
CA GLY B 101 20.22 -15.52 8.61
C GLY B 101 20.32 -14.55 7.45
N ALA B 102 20.75 -13.32 7.72
CA ALA B 102 20.88 -12.32 6.66
C ALA B 102 22.24 -11.66 6.66
N ILE B 103 22.72 -11.29 5.48
CA ILE B 103 24.01 -10.65 5.33
C ILE B 103 23.69 -9.18 5.09
N LEU B 104 24.06 -8.34 6.06
CA LEU B 104 23.82 -6.91 5.95
C LEU B 104 25.03 -6.25 5.28
N VAL B 105 24.81 -5.66 4.12
CA VAL B 105 25.88 -5.02 3.38
C VAL B 105 25.87 -3.52 3.68
N VAL B 106 27.03 -2.99 4.07
CA VAL B 106 27.18 -1.57 4.39
C VAL B 106 28.43 -1.02 3.71
N SER B 107 28.27 0.03 2.90
CA SER B 107 29.41 0.62 2.21
C SER B 107 30.31 1.39 3.18
N ALA B 108 31.60 1.08 3.17
CA ALA B 108 32.56 1.75 4.04
C ALA B 108 32.72 3.22 3.64
N ALA B 109 32.45 3.51 2.38
CA ALA B 109 32.57 4.88 1.88
C ALA B 109 31.37 5.75 2.23
N ASP B 110 30.26 5.12 2.61
CA ASP B 110 29.05 5.88 2.96
C ASP B 110 28.53 5.70 4.39
N GLY B 111 28.86 4.57 5.01
CA GLY B 111 28.39 4.33 6.36
C GLY B 111 26.92 3.97 6.33
N PRO B 112 26.30 3.69 7.49
CA PRO B 112 24.87 3.34 7.53
C PRO B 112 23.96 4.42 6.92
N MET B 113 22.97 4.00 6.14
CA MET B 113 22.03 4.92 5.50
C MET B 113 20.61 4.50 5.89
N PRO B 114 19.59 5.27 5.48
CA PRO B 114 18.21 4.90 5.85
C PRO B 114 17.74 3.46 5.66
N GLN B 115 18.06 2.85 4.52
CA GLN B 115 17.63 1.48 4.28
C GLN B 115 18.38 0.51 5.19
N THR B 116 19.59 0.90 5.60
CA THR B 116 20.37 0.04 6.47
C THR B 116 19.50 -0.21 7.71
N ARG B 117 18.92 0.87 8.23
CA ARG B 117 18.07 0.80 9.42
C ARG B 117 16.73 0.14 9.10
N GLU B 118 16.13 0.53 7.99
CA GLU B 118 14.84 -0.03 7.60
C GLU B 118 14.87 -1.55 7.41
N HIS B 119 15.89 -2.05 6.73
CA HIS B 119 15.98 -3.48 6.51
C HIS B 119 16.24 -4.24 7.82
N ILE B 120 17.00 -3.63 8.72
CA ILE B 120 17.29 -4.28 10.00
C ILE B 120 16.02 -4.36 10.85
N LEU B 121 15.20 -3.32 10.79
CA LEU B 121 13.96 -3.31 11.56
C LEU B 121 13.03 -4.40 11.03
N LEU B 122 12.93 -4.47 9.71
CA LEU B 122 12.07 -5.46 9.07
C LEU B 122 12.55 -6.87 9.40
N ALA B 123 13.88 -7.05 9.39
CA ALA B 123 14.49 -8.34 9.70
C ALA B 123 14.12 -8.75 11.12
N ARG B 124 14.13 -7.79 12.04
CA ARG B 124 13.79 -8.06 13.43
C ARG B 124 12.31 -8.44 13.53
N GLN B 125 11.47 -7.66 12.85
CA GLN B 125 10.04 -7.90 12.86
C GLN B 125 9.59 -9.22 12.24
N VAL B 126 10.36 -9.77 11.31
CA VAL B 126 9.96 -11.04 10.70
C VAL B 126 10.78 -12.17 11.35
N GLY B 127 11.56 -11.80 12.35
CA GLY B 127 12.38 -12.77 13.06
C GLY B 127 13.65 -13.36 12.49
N VAL B 128 14.34 -12.65 11.61
CA VAL B 128 15.58 -13.18 11.05
C VAL B 128 16.44 -13.42 12.29
N PRO B 129 16.86 -14.67 12.53
CA PRO B 129 17.67 -15.00 13.71
C PRO B 129 19.08 -14.48 13.90
N TYR B 130 19.82 -14.28 12.81
CA TYR B 130 21.19 -13.80 12.93
C TYR B 130 21.60 -12.89 11.80
N ILE B 131 22.51 -11.97 12.12
CA ILE B 131 23.01 -11.02 11.14
C ILE B 131 24.53 -11.09 11.05
N VAL B 132 25.04 -11.11 9.82
CA VAL B 132 26.48 -11.15 9.58
C VAL B 132 26.68 -9.91 8.73
N VAL B 133 27.66 -9.10 9.09
CA VAL B 133 27.93 -7.88 8.34
C VAL B 133 29.11 -7.91 7.37
N PHE B 134 28.91 -7.31 6.21
CA PHE B 134 29.96 -7.27 5.21
C PHE B 134 30.17 -5.80 4.89
N MET B 135 31.24 -5.22 5.42
CA MET B 135 31.52 -3.82 5.16
C MET B 135 32.15 -3.87 3.78
N ASN B 136 31.41 -3.38 2.78
CA ASN B 136 31.85 -3.37 1.40
C ASN B 136 32.54 -2.08 0.94
N LYS B 137 33.10 -2.15 -0.26
CA LYS B 137 33.80 -1.02 -0.88
C LYS B 137 35.00 -0.48 -0.11
N VAL B 138 35.68 -1.34 0.65
CA VAL B 138 36.83 -0.85 1.41
C VAL B 138 37.93 -0.46 0.45
N ASP B 139 37.84 -0.92 -0.79
CA ASP B 139 38.82 -0.60 -1.81
C ASP B 139 38.78 0.90 -2.09
N MET B 140 37.69 1.55 -1.68
CA MET B 140 37.53 2.99 -1.88
C MET B 140 37.92 3.78 -0.63
N VAL B 141 38.19 3.10 0.47
CA VAL B 141 38.57 3.76 1.71
C VAL B 141 39.90 3.23 2.26
N ASP B 142 40.88 4.11 2.38
CA ASP B 142 42.19 3.69 2.89
C ASP B 142 42.47 4.26 4.27
N ASP B 143 41.49 4.93 4.87
CA ASP B 143 41.64 5.52 6.19
C ASP B 143 41.13 4.58 7.28
N PRO B 144 42.04 3.85 7.94
CA PRO B 144 41.71 2.90 9.01
C PRO B 144 40.81 3.47 10.09
N GLU B 145 40.88 4.79 10.28
CA GLU B 145 40.07 5.45 11.28
C GLU B 145 38.61 5.50 10.84
N LEU B 146 38.38 5.79 9.57
CA LEU B 146 37.02 5.84 9.05
C LEU B 146 36.40 4.45 9.07
N LEU B 147 37.20 3.44 8.71
CA LEU B 147 36.70 2.07 8.70
C LEU B 147 36.22 1.68 10.09
N ASP B 148 36.99 2.03 11.12
CA ASP B 148 36.60 1.69 12.48
C ASP B 148 35.34 2.44 12.90
N LEU B 149 35.19 3.67 12.42
CA LEU B 149 34.01 4.48 12.74
C LEU B 149 32.77 3.85 12.13
N VAL B 150 32.89 3.37 10.89
CA VAL B 150 31.77 2.75 10.20
C VAL B 150 31.35 1.49 10.97
N GLU B 151 32.33 0.68 11.37
CA GLU B 151 32.01 -0.53 12.10
C GLU B 151 31.28 -0.20 13.40
N MET B 152 31.76 0.82 14.09
CA MET B 152 31.15 1.24 15.34
C MET B 152 29.70 1.68 15.13
N GLU B 153 29.45 2.45 14.08
CA GLU B 153 28.11 2.92 13.78
C GLU B 153 27.18 1.76 13.44
N VAL B 154 27.68 0.78 12.71
CA VAL B 154 26.87 -0.38 12.33
C VAL B 154 26.55 -1.21 13.58
N ARG B 155 27.54 -1.41 14.44
CA ARG B 155 27.31 -2.19 15.65
C ARG B 155 26.29 -1.48 16.54
N ASP B 156 26.39 -0.15 16.63
CA ASP B 156 25.45 0.61 17.47
C ASP B 156 24.04 0.50 16.87
N LEU B 157 23.96 0.58 15.55
CA LEU B 157 22.70 0.49 14.84
C LEU B 157 22.02 -0.83 15.16
N LEU B 158 22.79 -1.92 15.11
CA LEU B 158 22.25 -3.23 15.41
C LEU B 158 21.75 -3.29 16.85
N ASN B 159 22.53 -2.76 17.79
CA ASN B 159 22.13 -2.77 19.18
C ASN B 159 20.81 -2.05 19.39
N GLN B 160 20.62 -0.95 18.67
CA GLN B 160 19.40 -0.16 18.78
C GLN B 160 18.12 -0.96 18.48
N TYR B 161 18.19 -1.87 17.51
CA TYR B 161 17.03 -2.67 17.15
C TYR B 161 17.05 -4.03 17.85
N GLU B 162 17.95 -4.13 18.82
CA GLU B 162 18.15 -5.32 19.63
C GLU B 162 18.80 -6.56 19.05
N PHE B 163 19.68 -6.38 18.06
CA PHE B 163 20.38 -7.51 17.48
C PHE B 163 21.66 -7.43 18.33
N PRO B 164 22.43 -8.52 18.45
CA PRO B 164 23.66 -8.45 19.26
C PRO B 164 24.80 -7.74 18.53
N GLY B 165 24.65 -6.44 18.34
CA GLY B 165 25.65 -5.63 17.66
C GLY B 165 27.12 -5.79 18.02
N ASP B 166 27.40 -6.01 19.30
CA ASP B 166 28.79 -6.17 19.72
C ASP B 166 29.34 -7.58 19.49
N GLU B 167 28.48 -8.49 19.04
CA GLU B 167 28.89 -9.87 18.79
C GLU B 167 28.90 -10.30 17.33
N VAL B 168 28.11 -9.66 16.48
CA VAL B 168 28.07 -10.03 15.07
C VAL B 168 29.40 -9.88 14.36
N PRO B 169 29.69 -10.79 13.42
CA PRO B 169 30.95 -10.70 12.70
C PRO B 169 30.85 -9.54 11.71
N VAL B 170 31.95 -8.81 11.51
CA VAL B 170 31.96 -7.71 10.58
C VAL B 170 33.17 -7.95 9.69
N ILE B 171 32.90 -8.40 8.46
CA ILE B 171 33.96 -8.68 7.50
C ILE B 171 34.14 -7.47 6.59
N ARG B 172 35.39 -7.03 6.43
CA ARG B 172 35.70 -5.88 5.58
C ARG B 172 36.26 -6.36 4.25
N GLY B 173 35.64 -5.93 3.15
CA GLY B 173 36.13 -6.36 1.84
C GLY B 173 35.59 -5.56 0.67
N SER B 174 35.76 -6.13 -0.53
CA SER B 174 35.29 -5.50 -1.77
C SER B 174 34.66 -6.53 -2.67
N ALA B 175 33.34 -6.48 -2.79
CA ALA B 175 32.63 -7.42 -3.64
C ALA B 175 33.03 -7.22 -5.10
N LEU B 176 33.26 -5.97 -5.47
CA LEU B 176 33.65 -5.66 -6.85
C LEU B 176 34.98 -6.29 -7.27
N LEU B 177 36.05 -6.03 -6.51
CA LEU B 177 37.36 -6.59 -6.85
C LEU B 177 37.40 -8.11 -6.82
N ALA B 178 36.70 -8.71 -5.87
CA ALA B 178 36.67 -10.17 -5.77
C ALA B 178 35.98 -10.76 -7.01
N LEU B 179 34.87 -10.15 -7.40
CA LEU B 179 34.12 -10.61 -8.57
C LEU B 179 34.98 -10.46 -9.82
N GLU B 180 35.72 -9.35 -9.87
CA GLU B 180 36.60 -9.03 -10.99
C GLU B 180 37.64 -10.14 -11.14
N GLN B 181 38.23 -10.55 -10.01
CA GLN B 181 39.24 -11.61 -10.01
C GLN B 181 38.67 -12.94 -10.54
N MET B 182 37.46 -13.27 -10.13
CA MET B 182 36.82 -14.50 -10.56
C MET B 182 36.45 -14.46 -12.04
N HIS B 183 36.16 -13.27 -12.56
CA HIS B 183 35.81 -13.13 -13.97
C HIS B 183 37.07 -13.37 -14.80
N ARG B 184 38.20 -12.86 -14.32
CA ARG B 184 39.47 -13.02 -15.03
C ARG B 184 39.94 -14.47 -14.93
N ASN B 185 39.79 -15.06 -13.75
CA ASN B 185 40.20 -16.43 -13.52
C ASN B 185 39.21 -17.15 -12.62
N PRO B 186 38.22 -17.81 -13.21
CA PRO B 186 37.16 -18.57 -12.53
C PRO B 186 37.68 -19.71 -11.64
N LYS B 187 38.94 -20.08 -11.82
CA LYS B 187 39.52 -21.15 -11.02
C LYS B 187 40.22 -20.64 -9.77
N THR B 188 40.26 -19.33 -9.59
CA THR B 188 40.93 -18.74 -8.42
C THR B 188 40.47 -19.39 -7.13
N ARG B 189 41.43 -19.91 -6.36
CA ARG B 189 41.13 -20.57 -5.10
C ARG B 189 41.56 -19.75 -3.89
N ARG B 190 41.07 -20.13 -2.71
CA ARG B 190 41.41 -19.41 -1.49
C ARG B 190 42.91 -19.32 -1.31
N GLY B 191 43.39 -18.16 -0.88
CA GLY B 191 44.80 -17.97 -0.67
C GLY B 191 45.55 -17.38 -1.84
N GLU B 192 44.91 -17.28 -3.00
CA GLU B 192 45.57 -16.72 -4.17
C GLU B 192 45.34 -15.22 -4.38
N ASN B 193 44.22 -14.71 -3.88
CA ASN B 193 43.90 -13.28 -4.03
C ASN B 193 43.31 -12.73 -2.73
N GLU B 194 43.84 -11.61 -2.26
CA GLU B 194 43.36 -10.99 -1.03
C GLU B 194 41.88 -10.62 -0.98
N TRP B 195 41.32 -10.21 -2.12
CA TRP B 195 39.90 -9.85 -2.13
C TRP B 195 39.01 -11.08 -2.14
N VAL B 196 39.38 -12.07 -2.93
CA VAL B 196 38.59 -13.29 -3.00
C VAL B 196 38.65 -13.92 -1.61
N ASP B 197 39.75 -13.71 -0.91
CA ASP B 197 39.89 -14.27 0.43
C ASP B 197 38.97 -13.61 1.45
N LYS B 198 38.60 -12.35 1.23
CA LYS B 198 37.71 -11.66 2.15
C LYS B 198 36.31 -12.27 1.95
N ILE B 199 36.05 -12.77 0.74
CA ILE B 199 34.74 -13.37 0.46
C ILE B 199 34.75 -14.70 1.24
N TRP B 200 35.90 -15.37 1.28
CA TRP B 200 35.99 -16.62 2.00
C TRP B 200 35.82 -16.36 3.49
N GLU B 201 36.28 -15.19 3.94
CA GLU B 201 36.17 -14.82 5.35
C GLU B 201 34.68 -14.69 5.67
N LEU B 202 33.93 -14.15 4.72
CA LEU B 202 32.50 -13.96 4.89
C LEU B 202 31.82 -15.33 4.93
N LEU B 203 32.20 -16.20 3.99
CA LEU B 203 31.64 -17.54 3.93
C LEU B 203 31.90 -18.31 5.21
N ASP B 204 33.11 -18.18 5.77
CA ASP B 204 33.44 -18.88 7.00
C ASP B 204 32.59 -18.36 8.15
N ALA B 205 32.33 -17.05 8.16
CA ALA B 205 31.53 -16.42 9.20
C ALA B 205 30.08 -16.90 9.14
N ILE B 206 29.56 -17.03 7.93
CA ILE B 206 28.20 -17.49 7.71
C ILE B 206 28.11 -18.93 8.21
N ASP B 207 29.14 -19.73 7.91
CA ASP B 207 29.18 -21.13 8.31
C ASP B 207 29.17 -21.28 9.83
N GLU B 208 29.98 -20.46 10.50
CA GLU B 208 30.11 -20.50 11.95
C GLU B 208 29.16 -19.68 12.83
N TYR B 209 28.77 -18.49 12.38
CA TYR B 209 27.87 -17.65 13.17
C TYR B 209 26.37 -17.95 13.02
N ILE B 210 25.94 -18.27 11.80
CA ILE B 210 24.54 -18.59 11.56
C ILE B 210 24.38 -20.08 11.79
N PRO B 211 23.75 -20.47 12.91
CA PRO B 211 23.56 -21.89 13.21
C PRO B 211 22.47 -22.52 12.36
N THR B 212 22.59 -23.83 12.12
CA THR B 212 21.59 -24.53 11.32
C THR B 212 20.40 -24.69 12.25
N PRO B 213 19.27 -24.06 11.90
CA PRO B 213 18.06 -24.14 12.72
C PRO B 213 17.43 -25.53 12.77
N VAL B 214 16.50 -25.70 13.69
CA VAL B 214 15.82 -26.97 13.83
C VAL B 214 14.80 -27.05 12.71
N ARG B 215 14.73 -28.19 12.04
CA ARG B 215 13.79 -28.38 10.95
C ARG B 215 12.72 -29.35 11.44
N ASP B 216 11.45 -28.97 11.32
CA ASP B 216 10.35 -29.84 11.77
C ASP B 216 9.91 -30.76 10.62
N VAL B 217 10.74 -31.73 10.27
CA VAL B 217 10.38 -32.63 9.18
C VAL B 217 9.32 -33.67 9.57
N ASP B 218 9.14 -33.90 10.87
CA ASP B 218 8.16 -34.88 11.35
C ASP B 218 6.71 -34.38 11.42
N LYS B 219 6.49 -33.08 11.28
CA LYS B 219 5.13 -32.54 11.34
C LYS B 219 4.44 -32.65 9.97
N PRO B 220 3.12 -32.43 9.93
CA PRO B 220 2.39 -32.51 8.66
C PRO B 220 2.91 -31.50 7.64
N PHE B 221 3.09 -31.94 6.40
CA PHE B 221 3.59 -31.09 5.34
C PHE B 221 2.81 -29.78 5.13
N LEU B 222 3.56 -28.70 4.93
CA LEU B 222 2.99 -27.37 4.70
C LEU B 222 4.02 -26.47 4.04
N MET B 223 3.62 -25.82 2.95
CA MET B 223 4.52 -24.92 2.25
C MET B 223 3.73 -23.74 1.74
N PRO B 224 4.03 -22.53 2.26
CA PRO B 224 3.28 -21.36 1.76
C PRO B 224 3.77 -21.06 0.35
N VAL B 225 2.85 -20.77 -0.55
CA VAL B 225 3.22 -20.47 -1.93
C VAL B 225 3.77 -19.06 -2.11
N GLU B 226 4.93 -18.98 -2.73
CA GLU B 226 5.60 -17.71 -3.00
C GLU B 226 5.34 -17.24 -4.43
N ASP B 227 5.57 -18.12 -5.40
CA ASP B 227 5.36 -17.81 -6.81
C ASP B 227 4.76 -19.00 -7.54
N VAL B 228 4.20 -18.76 -8.71
CA VAL B 228 3.58 -19.82 -9.51
C VAL B 228 3.93 -19.64 -11.00
N PHE B 229 4.46 -20.70 -11.62
CA PHE B 229 4.83 -20.64 -13.03
C PHE B 229 4.39 -21.87 -13.80
N THR B 230 4.63 -21.86 -15.10
CA THR B 230 4.28 -22.97 -15.97
C THR B 230 5.56 -23.49 -16.61
N ILE B 231 5.79 -24.79 -16.49
CA ILE B 231 6.98 -25.42 -17.06
C ILE B 231 6.52 -26.16 -18.32
N THR B 232 7.03 -25.75 -19.47
CA THR B 232 6.68 -26.35 -20.76
C THR B 232 6.57 -27.87 -20.74
N GLY B 233 5.40 -28.37 -21.11
CA GLY B 233 5.15 -29.79 -21.14
C GLY B 233 5.14 -30.51 -19.81
N ARG B 234 5.24 -29.75 -18.71
CA ARG B 234 5.22 -30.37 -17.39
C ARG B 234 4.16 -29.83 -16.45
N GLY B 235 3.51 -28.74 -16.85
CA GLY B 235 2.47 -28.16 -16.02
C GLY B 235 2.80 -26.99 -15.12
N THR B 236 1.93 -26.78 -14.13
CA THR B 236 2.07 -25.70 -13.16
C THR B 236 2.99 -26.03 -11.99
N VAL B 237 3.86 -25.09 -11.63
CA VAL B 237 4.78 -25.31 -10.52
C VAL B 237 4.60 -24.18 -9.51
N ALA B 238 4.54 -24.56 -8.23
CA ALA B 238 4.39 -23.58 -7.16
C ALA B 238 5.67 -23.60 -6.35
N THR B 239 6.28 -22.43 -6.14
CA THR B 239 7.52 -22.36 -5.38
C THR B 239 7.34 -21.84 -3.97
N GLY B 240 8.33 -22.10 -3.13
CA GLY B 240 8.28 -21.66 -1.75
C GLY B 240 9.23 -22.44 -0.87
N ARG B 241 9.26 -22.11 0.41
CA ARG B 241 10.13 -22.81 1.34
C ARG B 241 9.23 -23.67 2.23
N ILE B 242 9.54 -24.97 2.29
CA ILE B 242 8.75 -25.88 3.11
C ILE B 242 8.88 -25.46 4.57
N GLU B 243 7.76 -25.18 5.22
CA GLU B 243 7.73 -24.76 6.62
C GLU B 243 7.91 -25.95 7.55
N ARG B 244 7.25 -27.05 7.23
CA ARG B 244 7.32 -28.26 8.05
C ARG B 244 6.94 -29.47 7.19
N GLY B 245 7.32 -30.65 7.65
CA GLY B 245 6.99 -31.84 6.90
C GLY B 245 7.87 -32.13 5.70
N LYS B 246 7.35 -32.97 4.81
CA LYS B 246 8.07 -33.38 3.60
C LYS B 246 7.08 -33.52 2.43
N VAL B 247 7.63 -33.61 1.22
CA VAL B 247 6.80 -33.77 0.02
C VAL B 247 7.57 -34.46 -1.09
N LYS B 248 6.92 -35.38 -1.79
CA LYS B 248 7.54 -36.12 -2.88
C LYS B 248 6.52 -36.47 -3.95
N VAL B 249 7.02 -36.85 -5.12
CA VAL B 249 6.16 -37.22 -6.24
C VAL B 249 5.19 -38.30 -5.79
N GLY B 250 3.93 -38.20 -6.21
CA GLY B 250 2.93 -39.19 -5.84
C GLY B 250 2.10 -38.79 -4.63
N ASP B 251 2.62 -37.85 -3.84
CA ASP B 251 1.89 -37.39 -2.65
C ASP B 251 0.68 -36.57 -3.03
N GLU B 252 -0.41 -36.73 -2.28
CA GLU B 252 -1.61 -35.96 -2.54
C GLU B 252 -1.43 -34.73 -1.67
N VAL B 253 -1.84 -33.56 -2.16
CA VAL B 253 -1.71 -32.34 -1.39
C VAL B 253 -2.92 -31.46 -1.63
N GLU B 254 -3.24 -30.62 -0.65
CA GLU B 254 -4.38 -29.72 -0.77
C GLU B 254 -3.84 -28.31 -0.95
N ILE B 255 -4.57 -27.49 -1.69
CA ILE B 255 -4.20 -26.12 -1.95
C ILE B 255 -5.24 -25.38 -1.14
N VAL B 256 -4.80 -24.80 -0.03
CA VAL B 256 -5.68 -24.09 0.87
C VAL B 256 -5.61 -22.57 0.97
N GLY B 257 -6.80 -21.96 0.98
CA GLY B 257 -6.88 -20.51 1.09
C GLY B 257 -7.11 -19.71 -0.16
N LEU B 258 -7.49 -18.46 0.07
CA LEU B 258 -7.76 -17.48 -0.98
C LEU B 258 -8.87 -17.79 -1.99
N ALA B 259 -8.94 -19.04 -2.43
CA ALA B 259 -9.95 -19.47 -3.40
C ALA B 259 -11.28 -19.84 -2.73
N PRO B 260 -12.35 -19.97 -3.52
CA PRO B 260 -13.68 -20.32 -2.97
C PRO B 260 -13.71 -21.69 -2.31
N GLU B 261 -12.84 -22.58 -2.74
CA GLU B 261 -12.81 -23.91 -2.16
C GLU B 261 -11.43 -24.55 -2.27
N THR B 262 -11.09 -25.38 -1.29
CA THR B 262 -9.81 -26.07 -1.26
C THR B 262 -9.71 -27.03 -2.46
N ARG B 263 -8.54 -27.08 -3.10
CA ARG B 263 -8.34 -27.98 -4.23
C ARG B 263 -7.43 -29.09 -3.74
N LYS B 264 -7.60 -30.28 -4.32
CA LYS B 264 -6.78 -31.42 -3.93
C LYS B 264 -6.27 -32.10 -5.18
N THR B 265 -4.95 -32.26 -5.27
CA THR B 265 -4.37 -32.91 -6.44
C THR B 265 -3.16 -33.76 -6.06
N VAL B 266 -2.40 -34.19 -7.06
CA VAL B 266 -1.22 -35.01 -6.82
C VAL B 266 0.05 -34.33 -7.27
N VAL B 267 1.12 -34.53 -6.51
CA VAL B 267 2.42 -33.96 -6.82
C VAL B 267 3.11 -34.80 -7.89
N THR B 268 3.45 -34.16 -9.01
CA THR B 268 4.12 -34.85 -10.11
C THR B 268 5.60 -34.49 -10.21
N GLY B 269 6.08 -33.63 -9.31
CA GLY B 269 7.48 -33.23 -9.34
C GLY B 269 7.91 -32.32 -8.20
N VAL B 270 9.15 -32.50 -7.74
CA VAL B 270 9.70 -31.70 -6.65
C VAL B 270 11.13 -31.36 -7.08
N GLU B 271 11.45 -30.07 -7.12
CA GLU B 271 12.79 -29.66 -7.51
C GLU B 271 13.37 -28.58 -6.63
N MET B 272 14.70 -28.57 -6.54
CA MET B 272 15.42 -27.59 -5.75
C MET B 272 16.40 -27.01 -6.75
N HIS B 273 16.24 -25.73 -7.05
CA HIS B 273 17.11 -25.06 -8.00
C HIS B 273 17.08 -25.76 -9.36
N ARG B 274 15.87 -26.15 -9.77
CA ARG B 274 15.64 -26.83 -11.05
C ARG B 274 16.18 -28.24 -11.19
N LYS B 275 16.55 -28.86 -10.07
CA LYS B 275 17.07 -30.22 -10.11
C LYS B 275 16.13 -31.14 -9.34
N THR B 276 15.88 -32.32 -9.90
CA THR B 276 15.00 -33.31 -9.28
C THR B 276 15.42 -33.63 -7.86
N LEU B 277 14.50 -33.44 -6.94
CA LEU B 277 14.75 -33.71 -5.53
C LEU B 277 13.91 -34.94 -5.14
N GLN B 278 14.57 -35.96 -4.60
CA GLN B 278 13.87 -37.18 -4.19
C GLN B 278 12.72 -36.88 -3.24
N GLU B 279 12.95 -35.95 -2.32
CA GLU B 279 11.91 -35.56 -1.36
C GLU B 279 12.29 -34.25 -0.68
N GLY B 280 11.38 -33.29 -0.76
CA GLY B 280 11.64 -31.99 -0.15
C GLY B 280 11.34 -32.07 1.34
N ILE B 281 12.13 -31.37 2.14
CA ILE B 281 11.93 -31.38 3.59
C ILE B 281 11.89 -29.95 4.13
N ALA B 282 11.36 -29.81 5.33
CA ALA B 282 11.27 -28.51 5.98
C ALA B 282 12.59 -27.77 5.82
N GLY B 283 12.51 -26.52 5.38
CA GLY B 283 13.70 -25.72 5.19
C GLY B 283 14.11 -25.55 3.75
N ASP B 284 13.73 -26.52 2.91
CA ASP B 284 14.08 -26.46 1.49
C ASP B 284 13.24 -25.45 0.70
N ASN B 285 13.89 -24.69 -0.17
CA ASN B 285 13.19 -23.70 -1.00
C ASN B 285 13.05 -24.55 -2.26
N VAL B 286 11.82 -24.94 -2.58
CA VAL B 286 11.59 -25.78 -3.75
C VAL B 286 10.56 -25.31 -4.76
N GLY B 287 10.37 -26.18 -5.76
CA GLY B 287 9.42 -25.97 -6.84
C GLY B 287 8.60 -27.25 -6.81
N VAL B 288 7.29 -27.14 -6.61
CA VAL B 288 6.43 -28.32 -6.57
C VAL B 288 5.45 -28.32 -7.75
N LEU B 289 5.57 -29.34 -8.60
CA LEU B 289 4.70 -29.45 -9.77
C LEU B 289 3.39 -30.10 -9.35
N LEU B 290 2.27 -29.52 -9.76
CA LEU B 290 0.96 -30.04 -9.41
C LEU B 290 0.12 -30.45 -10.62
N ARG B 291 -0.34 -31.68 -10.62
CA ARG B 291 -1.15 -32.19 -11.73
C ARG B 291 -2.55 -31.61 -11.88
N GLY B 292 -2.96 -31.42 -13.12
CA GLY B 292 -4.28 -30.89 -13.42
C GLY B 292 -4.71 -29.50 -12.98
N VAL B 293 -3.81 -28.69 -12.44
CA VAL B 293 -4.20 -27.35 -12.03
C VAL B 293 -3.51 -26.34 -12.92
N SER B 294 -4.20 -25.27 -13.26
CA SER B 294 -3.64 -24.23 -14.12
C SER B 294 -2.92 -23.19 -13.27
N ARG B 295 -2.15 -22.34 -13.94
CA ARG B 295 -1.41 -21.30 -13.23
C ARG B 295 -2.32 -20.30 -12.53
N GLU B 296 -3.59 -20.27 -12.92
CA GLU B 296 -4.53 -19.35 -12.30
C GLU B 296 -5.21 -20.00 -11.10
N GLU B 297 -5.14 -21.32 -11.04
CA GLU B 297 -5.76 -22.06 -9.94
C GLU B 297 -4.89 -22.21 -8.70
N VAL B 298 -3.72 -21.58 -8.72
CA VAL B 298 -2.80 -21.63 -7.59
C VAL B 298 -2.17 -20.25 -7.54
N GLU B 299 -2.03 -19.69 -6.34
CA GLU B 299 -1.43 -18.37 -6.23
C GLU B 299 -0.69 -18.10 -4.93
N ARG B 300 0.09 -17.02 -4.93
CA ARG B 300 0.88 -16.59 -3.79
C ARG B 300 -0.04 -16.40 -2.59
N GLY B 301 0.37 -16.89 -1.43
CA GLY B 301 -0.47 -16.74 -0.25
C GLY B 301 -1.19 -18.01 0.14
N GLN B 302 -1.49 -18.87 -0.84
CA GLN B 302 -2.18 -20.11 -0.54
C GLN B 302 -1.08 -21.02 0.00
N VAL B 303 -1.45 -22.12 0.62
CA VAL B 303 -0.45 -23.05 1.14
C VAL B 303 -0.73 -24.45 0.62
N LEU B 304 0.33 -25.22 0.43
CA LEU B 304 0.18 -26.60 -0.05
C LEU B 304 0.32 -27.36 1.27
N ALA B 305 -0.51 -28.36 1.50
CA ALA B 305 -0.41 -29.09 2.75
C ALA B 305 -0.96 -30.50 2.71
N LYS B 306 -0.56 -31.29 3.71
CA LYS B 306 -1.02 -32.67 3.80
C LYS B 306 -2.53 -32.53 3.87
N PRO B 307 -3.27 -33.31 3.06
CA PRO B 307 -4.73 -33.24 3.04
C PRO B 307 -5.35 -33.31 4.44
N GLY B 308 -6.26 -32.37 4.70
CA GLY B 308 -6.94 -32.32 6.00
C GLY B 308 -6.15 -31.79 7.19
N SER B 309 -4.89 -31.42 6.99
CA SER B 309 -4.07 -30.90 8.10
C SER B 309 -4.32 -29.43 8.44
N ILE B 310 -4.89 -28.67 7.51
CA ILE B 310 -5.17 -27.27 7.77
C ILE B 310 -6.38 -26.87 6.93
N THR B 311 -7.21 -25.97 7.46
CA THR B 311 -8.40 -25.53 6.75
C THR B 311 -8.46 -24.01 6.54
N PRO B 312 -9.26 -23.57 5.54
CA PRO B 312 -9.43 -22.16 5.22
C PRO B 312 -10.44 -21.49 6.15
N HIS B 313 -10.10 -20.31 6.65
CA HIS B 313 -10.98 -19.58 7.56
C HIS B 313 -10.94 -18.07 7.34
N THR B 314 -11.94 -17.38 7.85
CA THR B 314 -12.02 -15.93 7.72
C THR B 314 -12.17 -15.20 9.05
N LYS B 315 -12.78 -15.86 10.04
CA LYS B 315 -12.99 -15.22 11.34
C LYS B 315 -12.26 -15.94 12.48
N PHE B 316 -11.58 -15.16 13.32
CA PHE B 316 -10.85 -15.74 14.44
C PHE B 316 -10.61 -14.75 15.56
N GLU B 317 -10.21 -15.27 16.72
CA GLU B 317 -9.92 -14.47 17.90
C GLU B 317 -8.40 -14.46 17.95
N ALA B 318 -7.81 -13.39 18.46
CA ALA B 318 -6.36 -13.31 18.55
C ALA B 318 -5.86 -12.45 19.69
N SER B 319 -4.67 -12.76 20.18
CA SER B 319 -4.05 -12.00 21.26
C SER B 319 -3.13 -11.09 20.46
N VAL B 320 -3.28 -9.78 20.64
CA VAL B 320 -2.47 -8.83 19.91
C VAL B 320 -1.75 -7.77 20.74
N TYR B 321 -0.51 -7.50 20.37
CA TYR B 321 0.29 -6.51 21.07
C TYR B 321 0.33 -5.33 20.10
N VAL B 322 -0.19 -4.18 20.54
CA VAL B 322 -0.19 -2.99 19.70
C VAL B 322 1.14 -2.27 19.89
N LEU B 323 1.90 -2.13 18.81
CA LEU B 323 3.19 -1.47 18.89
C LEU B 323 3.12 -0.01 19.33
N LYS B 324 4.09 0.38 20.14
CA LYS B 324 4.19 1.75 20.65
C LYS B 324 4.74 2.62 19.53
N LYS B 325 4.50 3.92 19.63
CA LYS B 325 4.98 4.86 18.61
C LYS B 325 6.50 4.72 18.58
N GLU B 326 7.08 4.49 19.75
CA GLU B 326 8.52 4.33 19.90
C GLU B 326 9.05 3.08 19.22
N GLU B 327 8.15 2.22 18.76
CA GLU B 327 8.56 0.99 18.09
C GLU B 327 8.16 1.02 16.61
N GLY B 328 7.89 2.22 16.10
CA GLY B 328 7.50 2.36 14.71
C GLY B 328 6.01 2.33 14.44
N GLY B 329 5.22 2.04 15.48
CA GLY B 329 3.77 2.00 15.31
C GLY B 329 3.12 3.38 15.37
N ARG B 330 1.80 3.40 15.54
CA ARG B 330 1.09 4.67 15.62
C ARG B 330 0.93 5.06 17.08
N HIS B 331 0.71 6.35 17.34
CA HIS B 331 0.55 6.77 18.73
C HIS B 331 -0.94 6.69 19.09
N THR B 332 -1.78 6.44 18.09
CA THR B 332 -3.22 6.33 18.29
C THR B 332 -3.54 4.84 18.37
N GLY B 333 -4.66 4.48 18.98
CA GLY B 333 -4.98 3.06 19.08
C GLY B 333 -5.89 2.43 18.04
N PHE B 334 -6.11 1.13 18.20
CA PHE B 334 -6.96 0.34 17.31
C PHE B 334 -8.39 0.62 17.76
N PHE B 335 -9.35 0.37 16.87
CA PHE B 335 -10.77 0.59 17.16
C PHE B 335 -11.58 -0.42 16.35
N SER B 336 -12.85 -0.62 16.73
CA SER B 336 -13.69 -1.55 16.01
C SER B 336 -14.03 -0.97 14.64
N GLY B 337 -13.91 -1.80 13.61
CA GLY B 337 -14.21 -1.33 12.26
C GLY B 337 -12.93 -1.05 11.48
N TYR B 338 -11.81 -1.04 12.18
CA TYR B 338 -10.48 -0.79 11.62
C TYR B 338 -10.18 -1.92 10.64
N ARG B 339 -9.73 -1.57 9.44
CA ARG B 339 -9.42 -2.56 8.42
C ARG B 339 -7.99 -2.51 7.91
N PRO B 340 -7.02 -2.98 8.73
CA PRO B 340 -5.62 -2.97 8.31
C PRO B 340 -5.31 -4.26 7.56
N GLN B 341 -4.05 -4.44 7.20
CA GLN B 341 -3.62 -5.62 6.48
C GLN B 341 -3.02 -6.63 7.45
N PHE B 342 -3.44 -7.89 7.32
CA PHE B 342 -2.96 -8.97 8.17
C PHE B 342 -2.00 -9.84 7.36
N TYR B 343 -0.75 -9.89 7.81
CA TYR B 343 0.27 -10.68 7.14
C TYR B 343 0.40 -12.09 7.67
N PHE B 344 -0.05 -13.03 6.85
CA PHE B 344 -0.01 -14.46 7.16
C PHE B 344 0.91 -15.15 6.17
N ARG B 345 2.01 -15.69 6.69
CA ARG B 345 2.98 -16.38 5.86
C ARG B 345 3.39 -15.59 4.61
N THR B 346 3.03 -16.07 3.43
CA THR B 346 3.41 -15.36 2.19
C THR B 346 2.50 -14.31 1.57
N THR B 347 1.51 -13.83 2.31
CA THR B 347 0.64 -12.81 1.75
C THR B 347 0.02 -11.94 2.84
N ASP B 348 -0.81 -10.99 2.43
CA ASP B 348 -1.47 -10.09 3.37
C ASP B 348 -2.91 -9.95 2.89
N VAL B 349 -3.84 -10.00 3.83
CA VAL B 349 -5.26 -9.89 3.52
C VAL B 349 -5.92 -8.89 4.47
N THR B 350 -6.85 -8.11 3.93
CA THR B 350 -7.56 -7.12 4.72
C THR B 350 -8.45 -7.81 5.74
N GLY B 351 -8.52 -7.26 6.95
CA GLY B 351 -9.35 -7.86 7.98
C GLY B 351 -10.04 -6.80 8.80
N VAL B 352 -11.27 -7.07 9.23
CA VAL B 352 -12.06 -6.13 10.03
C VAL B 352 -11.87 -6.45 11.51
N VAL B 353 -11.34 -5.50 12.25
CA VAL B 353 -11.11 -5.67 13.68
C VAL B 353 -12.38 -5.40 14.46
N GLN B 354 -12.64 -6.23 15.45
CA GLN B 354 -13.83 -6.07 16.28
C GLN B 354 -13.43 -6.23 17.74
N LEU B 355 -13.40 -5.12 18.46
CA LEU B 355 -13.03 -5.15 19.86
C LEU B 355 -14.24 -5.67 20.64
N PRO B 356 -14.03 -6.12 21.89
CA PRO B 356 -15.16 -6.62 22.68
C PRO B 356 -16.21 -5.53 22.88
N PRO B 357 -17.47 -5.93 23.14
CA PRO B 357 -18.52 -4.94 23.34
C PRO B 357 -18.13 -3.90 24.40
N GLY B 358 -18.44 -2.64 24.14
CA GLY B 358 -18.13 -1.58 25.09
C GLY B 358 -16.71 -1.04 25.04
N VAL B 359 -15.79 -1.77 24.44
CA VAL B 359 -14.40 -1.35 24.33
C VAL B 359 -14.26 -0.53 23.05
N GLU B 360 -13.97 0.77 23.17
CA GLU B 360 -13.84 1.58 21.96
C GLU B 360 -12.43 1.66 21.40
N MET B 361 -11.43 1.35 22.21
CA MET B 361 -10.04 1.40 21.75
C MET B 361 -9.05 0.64 22.60
N VAL B 362 -7.98 0.20 21.94
CA VAL B 362 -6.90 -0.54 22.60
C VAL B 362 -5.70 0.31 22.18
N MET B 363 -4.92 0.74 23.18
CA MET B 363 -3.76 1.59 22.94
C MET B 363 -2.39 0.97 22.70
N PRO B 364 -1.49 1.72 22.04
CA PRO B 364 -0.14 1.27 21.74
C PRO B 364 0.53 0.90 23.06
N GLY B 365 1.25 -0.21 23.07
CA GLY B 365 1.92 -0.64 24.28
C GLY B 365 1.15 -1.70 25.05
N ASP B 366 -0.12 -1.90 24.70
CA ASP B 366 -0.92 -2.89 25.41
C ASP B 366 -1.09 -4.21 24.66
N ASN B 367 -1.33 -5.27 25.44
CA ASN B 367 -1.55 -6.61 24.92
C ASN B 367 -3.04 -6.86 25.14
N VAL B 368 -3.78 -7.04 24.04
CA VAL B 368 -5.21 -7.27 24.12
C VAL B 368 -5.69 -8.45 23.29
N THR B 369 -6.98 -8.74 23.40
CA THR B 369 -7.59 -9.85 22.67
C THR B 369 -8.86 -9.35 21.98
N PHE B 370 -8.95 -9.58 20.67
CA PHE B 370 -10.11 -9.15 19.91
C PHE B 370 -10.32 -10.12 18.74
N THR B 371 -11.33 -9.88 17.92
CA THR B 371 -11.58 -10.77 16.79
C THR B 371 -11.35 -10.07 15.46
N VAL B 372 -11.08 -10.87 14.45
CA VAL B 372 -10.83 -10.38 13.10
C VAL B 372 -11.60 -11.20 12.06
N GLU B 373 -12.09 -10.52 11.03
CA GLU B 373 -12.83 -11.20 9.96
C GLU B 373 -12.16 -10.78 8.65
N LEU B 374 -11.42 -11.71 8.04
CA LEU B 374 -10.72 -11.48 6.79
C LEU B 374 -11.70 -11.38 5.62
N ILE B 375 -11.33 -10.62 4.59
CA ILE B 375 -12.22 -10.48 3.43
C ILE B 375 -12.03 -11.61 2.44
N LYS B 376 -11.03 -12.44 2.70
CA LYS B 376 -10.71 -13.60 1.85
C LYS B 376 -10.28 -14.73 2.78
N PRO B 377 -10.62 -15.97 2.44
CA PRO B 377 -10.22 -17.11 3.28
C PRO B 377 -8.72 -17.36 3.26
N VAL B 378 -8.19 -17.75 4.42
CA VAL B 378 -6.77 -18.04 4.56
C VAL B 378 -6.58 -19.30 5.37
N ALA B 379 -5.53 -20.05 5.07
CA ALA B 379 -5.27 -21.29 5.82
C ALA B 379 -4.86 -20.80 7.21
N LEU B 380 -5.69 -21.08 8.21
CA LEU B 380 -5.39 -20.65 9.58
C LEU B 380 -5.41 -21.81 10.58
N GLU B 381 -4.67 -21.63 11.68
CA GLU B 381 -4.60 -22.65 12.73
C GLU B 381 -4.20 -21.93 14.01
N GLU B 382 -4.62 -22.47 15.16
CA GLU B 382 -4.28 -21.84 16.44
C GLU B 382 -2.78 -21.78 16.64
N GLY B 383 -2.30 -20.67 17.21
CA GLY B 383 -0.88 -20.51 17.44
C GLY B 383 -0.15 -19.88 16.27
N LEU B 384 -0.84 -19.72 15.15
CA LEU B 384 -0.21 -19.11 13.97
C LEU B 384 0.00 -17.62 14.22
N ARG B 385 1.23 -17.15 14.04
CA ARG B 385 1.52 -15.75 14.26
C ARG B 385 1.34 -14.93 12.98
N PHE B 386 0.96 -13.68 13.15
CA PHE B 386 0.75 -12.80 12.00
C PHE B 386 1.07 -11.38 12.42
N ALA B 387 1.35 -10.52 11.46
CA ALA B 387 1.66 -9.14 11.80
C ALA B 387 0.54 -8.29 11.25
N ILE B 388 0.40 -7.09 11.78
CA ILE B 388 -0.63 -6.18 11.34
C ILE B 388 0.07 -4.93 10.85
N ARG B 389 -0.20 -4.55 9.62
CA ARG B 389 0.40 -3.36 9.05
C ARG B 389 -0.68 -2.51 8.42
N GLU B 390 -0.45 -1.21 8.45
CA GLU B 390 -1.40 -0.28 7.87
C GLU B 390 -0.53 0.42 6.85
N GLY B 391 -0.61 -0.03 5.60
CA GLY B 391 0.19 0.56 4.56
C GLY B 391 1.60 0.02 4.69
N GLY B 392 2.56 0.91 4.90
CA GLY B 392 3.94 0.47 5.05
C GLY B 392 4.43 0.59 6.48
N ARG B 393 3.52 0.61 7.44
CA ARG B 393 3.88 0.73 8.84
C ARG B 393 3.34 -0.42 9.70
N THR B 394 4.24 -1.10 10.41
CA THR B 394 3.85 -2.22 11.27
C THR B 394 3.21 -1.65 12.52
N VAL B 395 1.95 -1.99 12.76
CA VAL B 395 1.25 -1.49 13.94
C VAL B 395 0.88 -2.54 14.98
N GLY B 396 1.00 -3.81 14.62
CA GLY B 396 0.66 -4.85 15.57
C GLY B 396 1.31 -6.20 15.32
N ALA B 397 1.37 -7.02 16.35
CA ALA B 397 1.94 -8.36 16.29
C ALA B 397 0.95 -9.25 17.01
N GLY B 398 0.39 -10.24 16.31
CA GLY B 398 -0.56 -11.10 16.98
C GLY B 398 -0.40 -12.59 16.77
N VAL B 399 -1.25 -13.35 17.45
CA VAL B 399 -1.23 -14.81 17.38
C VAL B 399 -2.67 -15.32 17.39
N VAL B 400 -3.01 -16.19 16.44
CA VAL B 400 -4.35 -16.73 16.36
C VAL B 400 -4.59 -17.57 17.62
N THR B 401 -5.63 -17.25 18.38
CA THR B 401 -5.91 -18.00 19.60
C THR B 401 -7.13 -18.90 19.47
N LYS B 402 -8.01 -18.58 18.51
CA LYS B 402 -9.21 -19.38 18.32
C LYS B 402 -9.83 -19.14 16.95
N ILE B 403 -10.17 -20.23 16.27
CA ILE B 403 -10.78 -20.10 14.96
C ILE B 403 -12.29 -20.08 15.20
N LEU B 404 -12.95 -19.03 14.73
CA LEU B 404 -14.39 -18.88 14.89
C LEU B 404 -15.17 -19.44 13.71
N GLU B 405 -14.58 -19.38 12.52
CA GLU B 405 -15.24 -19.88 11.31
C GLU B 405 -14.38 -19.69 10.06
PB GDP C . -20.35 5.17 8.20
O1B GDP C . -19.39 4.06 8.41
O2B GDP C . -20.74 5.28 6.76
O3B GDP C . -19.80 6.48 8.64
O3A GDP C . -21.68 4.88 9.03
PA GDP C . -23.14 4.41 8.48
O1A GDP C . -22.97 3.14 7.73
O2A GDP C . -23.81 5.55 7.80
O5' GDP C . -23.90 4.13 9.85
C5' GDP C . -23.40 3.23 10.86
C4' GDP C . -24.51 2.74 11.74
O4' GDP C . -25.01 3.77 12.63
C3' GDP C . -25.74 2.16 11.07
O3' GDP C . -26.30 1.07 11.78
C2' GDP C . -26.70 3.34 10.99
O2' GDP C . -28.07 2.96 11.05
C1' GDP C . -26.34 4.09 12.28
N9 GDP C . -26.64 5.53 12.32
C8 GDP C . -26.34 6.47 11.37
N7 GDP C . -26.76 7.66 11.66
C5 GDP C . -27.38 7.51 12.90
C6 GDP C . -28.06 8.46 13.72
O6 GDP C . -28.26 9.67 13.50
N1 GDP C . -28.54 7.90 14.90
C2 GDP C . -28.40 6.56 15.25
N2 GDP C . -28.93 6.20 16.42
N3 GDP C . -27.78 5.66 14.48
C4 GDP C . -27.30 6.20 13.33
MG MG D . -20.17 4.35 4.99
C2 MAU E . -0.31 10.79 11.12
C3 MAU E . -0.43 11.69 12.22
C4 MAU E . -1.75 12.16 12.58
C5 MAU E . -2.88 11.73 11.86
C6 MAU E . -2.68 10.83 10.77
C7 MAU E . 0.79 12.15 12.98
C8 MAU E . 1.30 13.57 12.89
C20 MAU E . 1.43 20.39 4.98
C21 MAU E . 1.08 19.99 3.55
C24 MAU E . 1.53 16.96 1.47
C25 MAU E . 1.31 16.39 0.09
O4 MAU E . -1.91 13.03 13.61
O7 MAU E . 1.37 11.33 13.68
C9 MAU E . 0.60 14.50 12.14
C10 MAU E . 0.97 15.90 11.97
C11 MAU E . 0.47 16.55 10.90
C12 MAU E . 0.77 17.95 10.65
C13 MAU E . 0.32 18.53 9.54
C14 MAU E . 0.62 19.99 9.23
C15 MAU E . -0.60 20.94 9.36
C16 MAU E . -0.27 21.93 8.24
C17 MAU E . 0.70 21.11 7.32
C19 MAU E . 0.18 20.88 5.83
C22 MAU E . 1.41 18.72 3.14
C23 MAU E . 1.15 18.22 1.78
O15 MAU E . -1.83 20.25 9.01
N1 MAU E . -1.44 10.39 10.44
C40 MAU E . -1.32 9.46 9.30
O2 MAU E . 0.83 10.35 10.78
C41 MAU E . 2.58 13.94 13.61
O16 MAU E . -1.45 22.38 7.54
O18 MAU E . 0.99 20.05 7.81
C42 MAU E . -0.95 19.78 5.81
O20 MAU E . 2.40 21.48 4.90
C43 MAU E . 3.75 20.99 5.08
C44 MAU E . 0.38 20.98 2.61
N26 MAU E . 0.29 17.12 -0.63
C27 MAU E . 0.51 17.61 -1.95
O27 MAU E . 1.61 17.46 -2.49
C45 MAU E . -0.25 19.87 -2.97
C46 MAU E . 0.33 20.53 -1.78
C28 MAU E . -0.63 18.36 -2.65
C29 MAU E . -0.98 17.60 -4.02
O29 MAU E . 0.22 17.56 -4.85
C30 MAU E . -2.07 18.29 -4.79
O30 MAU E . -3.03 18.38 -4.16
C31 MAU E . -2.36 17.36 -5.95
O31 MAU E . -3.35 17.85 -6.83
C32 MAU E . -2.68 15.90 -5.51
C47 MAU E . -4.02 15.82 -4.75
C48 MAU E . -2.81 15.04 -6.74
C33 MAU E . -1.52 15.48 -4.63
O34 MAU E . -1.28 16.26 -3.73
C35 MAU E . -1.62 14.14 -3.99
C36 MAU E . -1.83 13.93 -2.65
C37 MAU E . -1.91 12.61 -2.13
C38 MAU E . -2.00 12.35 -0.79
C39 MAU E . -2.01 13.44 0.27
C1 BME F . -14.03 7.48 -2.55
C2 BME F . -14.63 8.73 -1.91
O1 BME F . -13.64 6.54 -1.58
S2 BME F . -13.58 9.48 -0.62
PB GDP G . 22.89 -3.05 -4.44
O1B GDP G . 23.11 -3.07 -2.98
O2B GDP G . 21.85 -2.06 -4.80
O3B GDP G . 22.49 -4.37 -4.98
O3A GDP G . 24.26 -2.62 -5.14
PA GDP G . 25.00 -3.28 -6.42
O1A GDP G . 24.07 -3.24 -7.57
O2A GDP G . 25.61 -4.58 -6.05
O5' GDP G . 26.20 -2.24 -6.63
C5' GDP G . 25.97 -0.84 -6.84
C4' GDP G . 27.15 -0.24 -7.58
O4' GDP G . 28.35 -0.17 -6.77
C3' GDP G . 27.60 -0.92 -8.86
O3' GDP G . 28.11 0.00 -9.80
C2' GDP G . 28.70 -1.86 -8.40
O2' GDP G . 29.67 -2.09 -9.41
C1' GDP G . 29.33 -1.06 -7.26
N9 GDP G . 30.07 -1.79 -6.22
C8 GDP G . 29.64 -2.90 -5.54
N7 GDP G . 30.53 -3.36 -4.71
C5 GDP G . 31.62 -2.51 -4.85
C6 GDP G . 32.90 -2.53 -4.21
O6 GDP G . 33.34 -3.37 -3.41
N1 GDP G . 33.71 -1.45 -4.62
C2 GDP G . 33.34 -0.49 -5.53
N2 GDP G . 34.24 0.46 -5.79
N3 GDP G . 32.13 -0.47 -6.14
C4 GDP G . 31.33 -1.51 -5.76
MG MG H . 20.80 -5.02 -5.92
C2 MAU I . 10.66 3.21 11.02
C3 MAU I . 11.66 3.59 11.98
C4 MAU I . 13.00 3.10 11.80
C5 MAU I . 13.31 2.27 10.68
C6 MAU I . 12.26 1.94 9.78
C7 MAU I . 11.29 4.46 13.16
C8 MAU I . 11.33 3.93 14.57
C20 MAU I . 9.29 -5.68 18.36
C21 MAU I . 8.67 -6.80 17.48
C24 MAU I . 6.20 -6.87 14.72
C25 MAU I . 5.42 -7.78 13.80
O4 MAU I . 13.98 3.42 12.69
O7 MAU I . 10.96 5.63 12.95
C9 MAU I . 11.69 2.61 14.78
C10 MAU I . 11.79 1.96 16.10
C11 MAU I . 11.80 0.62 16.12
C12 MAU I . 11.91 -0.10 17.38
C13 MAU I . 11.84 -1.43 17.37
C14 MAU I . 11.93 -2.24 18.66
C15 MAU I . 13.29 -2.97 18.87
C16 MAU I . 12.78 -4.21 19.61
C17 MAU I . 11.28 -4.31 19.16
C19 MAU I . 10.88 -5.61 18.33
C22 MAU I . 7.78 -6.41 16.52
C23 MAU I . 7.08 -7.36 15.62
O15 MAU I . 13.83 -3.38 17.61
N1 MAU I . 10.99 2.40 9.96
C40 MAU I . 9.97 2.00 8.99
O2 MAU I . 9.47 3.62 11.16
C41 MAU I . 10.98 4.87 15.72
O16 MAU I . 13.54 -5.39 19.29
O18 MAU I . 10.94 -3.31 18.56
C42 MAU I . 11.40 -5.50 16.85
O20 MAU I . 8.87 -5.91 19.74
C43 MAU I . 7.66 -5.18 20.02
C44 MAU I . 9.03 -8.26 17.71
N26 MAU I . 6.07 -9.07 13.66
C27 MAU I . 5.35 -10.28 13.87
O27 MAU I . 4.16 -10.24 14.25
C45 MAU I . 6.13 -12.49 15.01
C46 MAU I . 6.54 -11.69 16.18
C28 MAU I . 6.09 -11.61 13.68
C29 MAU I . 5.36 -12.44 12.51
O29 MAU I . 3.97 -12.67 12.88
C30 MAU I . 6.03 -13.78 12.29
O30 MAU I . 7.14 -13.65 12.06
C31 MAU I . 5.35 -14.38 11.08
O31 MAU I . 5.84 -15.66 10.75
C32 MAU I . 5.35 -13.44 9.85
C47 MAU I . 6.76 -13.25 9.28
C48 MAU I . 4.50 -14.08 8.76
C33 MAU I . 4.77 -12.14 10.33
O34 MAU I . 5.32 -11.68 11.32
C35 MAU I . 4.72 -11.04 9.30
C36 MAU I . 5.49 -9.91 9.34
C37 MAU I . 5.37 -8.93 8.31
C38 MAU I . 6.00 -7.72 8.34
C39 MAU I . 6.89 -7.26 9.48
C1 BME J . 13.83 -10.07 -2.26
C2 BME J . 14.01 -10.86 -0.95
O1 BME J . 12.86 -9.04 -2.12
S2 BME J . 14.44 -9.84 0.49
#